data_8K3L
#
_entry.id   8K3L
#
_cell.length_a   62.214
_cell.length_b   62.442
_cell.length_c   314.928
_cell.angle_alpha   90.00
_cell.angle_beta   90.00
_cell.angle_gamma   90.00
#
_symmetry.space_group_name_H-M   'P 21 21 21'
#
loop_
_entity.id
_entity.type
_entity.pdbx_description
1 polymer 'Superoxide dismutase [Cu-Zn]'
2 polymer NB3
3 non-polymer 'COPPER (II) ION'
4 non-polymer 'ZINC ION'
5 water water
#
loop_
_entity_poly.entity_id
_entity_poly.type
_entity_poly.pdbx_seq_one_letter_code
_entity_poly.pdbx_strand_id
1 'polypeptide(L)'
;ATKAVCVLKGDGPVQGIINFEQKESNGPVKVWGSIKGLTEGLHGFHVHEFGDNTAGCTSAGPHFNPLSRKHGGPKDEERH
VGDLGNVTADKDGVADVSIEDSVISLSGDHCIIGRTLVVHEKADDLGKGGNEESTKTGNAGSRLACGVIGIAQ
;
A,C,E,G
2 'polypeptide(L)'
;QVQLQESGGGLVQAGGSLRLSCAASGLPYRTVFMGWFRQGPGKEREGVAVINADGVSTYYADSVKGRFTISQDNAKNTVY
LQMNSLKPEDTAIYHCAANHFFDYSRDPLATAEYNYWGQGTQVTVSS
;
B,D,F,H
#
# COMPACT_ATOMS: atom_id res chain seq x y z
N ALA A 1 -4.17 -10.36 20.89
CA ALA A 1 -5.18 -9.42 20.40
C ALA A 1 -5.75 -9.79 19.01
N THR A 2 -6.53 -10.87 18.94
CA THR A 2 -7.03 -11.40 17.68
C THR A 2 -8.49 -11.00 17.46
N LYS A 3 -8.88 -10.88 16.20
CA LYS A 3 -10.24 -10.62 15.81
C LYS A 3 -10.66 -11.63 14.76
N ALA A 4 -11.94 -11.95 14.74
CA ALA A 4 -12.50 -12.89 13.78
C ALA A 4 -13.89 -12.44 13.38
N VAL A 5 -14.40 -13.03 12.31
CA VAL A 5 -15.71 -12.65 11.79
C VAL A 5 -16.31 -13.85 11.09
N CYS A 6 -17.64 -13.89 11.03
CA CYS A 6 -18.36 -14.98 10.40
C CYS A 6 -19.60 -14.42 9.72
N VAL A 7 -19.74 -14.70 8.43
CA VAL A 7 -20.93 -14.38 7.66
C VAL A 7 -21.78 -15.64 7.61
N LEU A 8 -22.97 -15.59 8.22
CA LEU A 8 -23.88 -16.73 8.26
C LEU A 8 -24.91 -16.63 7.16
N LYS A 9 -25.05 -17.72 6.42
CA LYS A 9 -25.95 -17.86 5.29
C LYS A 9 -26.48 -19.29 5.29
N GLY A 10 -27.69 -19.46 4.75
CA GLY A 10 -28.25 -20.80 4.52
C GLY A 10 -29.11 -20.91 3.28
N ASP A 11 -29.92 -21.98 3.15
CA ASP A 11 -30.87 -22.05 2.05
C ASP A 11 -31.96 -21.00 2.16
N GLY A 12 -32.27 -20.55 3.37
CA GLY A 12 -33.44 -19.77 3.60
C GLY A 12 -33.16 -18.33 3.97
N PRO A 13 -34.07 -17.73 4.73
CA PRO A 13 -33.97 -16.30 5.05
C PRO A 13 -33.04 -16.00 6.21
N VAL A 14 -32.47 -17.00 6.88
CA VAL A 14 -31.65 -16.72 8.06
C VAL A 14 -30.27 -16.27 7.61
N GLN A 15 -29.84 -15.10 8.10
CA GLN A 15 -28.52 -14.63 7.71
C GLN A 15 -28.05 -13.60 8.73
N GLY A 16 -26.74 -13.41 8.79
CA GLY A 16 -26.24 -12.42 9.73
C GLY A 16 -24.74 -12.40 9.79
N ILE A 17 -24.24 -11.59 10.73
CA ILE A 17 -22.80 -11.38 10.85
C ILE A 17 -22.42 -11.36 12.32
N ILE A 18 -21.38 -12.10 12.67
CA ILE A 18 -20.97 -12.33 14.05
C ILE A 18 -19.49 -12.03 14.14
N ASN A 19 -19.12 -11.16 15.08
CA ASN A 19 -17.75 -10.75 15.33
C ASN A 19 -17.22 -11.44 16.56
N PHE A 20 -15.91 -11.67 16.56
CA PHE A 20 -15.20 -12.24 17.69
C PHE A 20 -14.00 -11.36 17.99
N GLU A 21 -13.68 -11.22 19.27
CA GLU A 21 -12.53 -10.42 19.66
C GLU A 21 -11.94 -10.98 20.95
N GLN A 22 -10.61 -11.10 20.97
CA GLN A 22 -9.91 -11.67 22.11
C GLN A 22 -8.67 -10.84 22.35
N LYS A 23 -8.66 -10.01 23.41
CA LYS A 23 -7.54 -9.10 23.64
C LYS A 23 -6.35 -9.79 24.28
N GLU A 24 -6.50 -11.00 24.81
CA GLU A 24 -5.39 -11.71 25.43
C GLU A 24 -5.48 -13.18 25.08
N SER A 25 -4.34 -13.83 24.87
CA SER A 25 -4.34 -15.28 24.75
C SER A 25 -4.90 -15.90 26.02
N ASN A 26 -5.68 -16.98 25.85
CA ASN A 26 -6.39 -17.61 26.95
C ASN A 26 -7.29 -16.63 27.71
N GLY A 27 -7.63 -15.49 27.12
CA GLY A 27 -8.58 -14.57 27.69
C GLY A 27 -9.98 -14.84 27.17
N PRO A 28 -10.98 -14.19 27.75
CA PRO A 28 -12.35 -14.37 27.26
C PRO A 28 -12.48 -13.78 25.87
N VAL A 29 -13.46 -14.30 25.14
CA VAL A 29 -13.72 -13.91 23.76
C VAL A 29 -15.07 -13.24 23.73
N LYS A 30 -15.10 -12.00 23.25
CA LYS A 30 -16.37 -11.31 23.03
C LYS A 30 -16.93 -11.74 21.68
N VAL A 31 -18.23 -12.03 21.67
CA VAL A 31 -18.94 -12.51 20.50
C VAL A 31 -20.16 -11.63 20.35
N TRP A 32 -20.32 -10.98 19.20
CA TRP A 32 -21.41 -10.03 19.11
C TRP A 32 -21.76 -9.81 17.66
N GLY A 33 -22.97 -9.35 17.43
CA GLY A 33 -23.39 -9.14 16.06
C GLY A 33 -24.88 -9.34 15.97
N SER A 34 -25.35 -9.73 14.80
CA SER A 34 -26.79 -9.80 14.62
C SER A 34 -27.17 -10.87 13.62
N ILE A 35 -28.32 -11.50 13.86
CA ILE A 35 -28.89 -12.48 12.95
C ILE A 35 -30.34 -12.08 12.69
N LYS A 36 -30.80 -12.30 11.45
CA LYS A 36 -32.16 -11.95 11.07
C LYS A 36 -32.77 -13.06 10.22
N GLY A 37 -34.10 -13.03 10.12
CA GLY A 37 -34.85 -14.08 9.48
C GLY A 37 -35.26 -15.23 10.37
N LEU A 38 -35.14 -15.08 11.68
CA LEU A 38 -35.44 -16.15 12.61
C LEU A 38 -36.88 -16.08 13.08
N THR A 39 -37.49 -17.24 13.31
CA THR A 39 -38.72 -17.26 14.08
C THR A 39 -38.45 -16.77 15.50
N GLU A 40 -39.44 -16.07 16.07
CA GLU A 40 -39.29 -15.52 17.41
C GLU A 40 -38.98 -16.62 18.42
N GLY A 41 -38.12 -16.31 19.39
CA GLY A 41 -37.76 -17.25 20.43
C GLY A 41 -36.30 -17.68 20.31
N LEU A 42 -35.97 -18.76 21.03
CA LEU A 42 -34.59 -19.20 21.20
C LEU A 42 -34.13 -20.11 20.06
N HIS A 43 -32.83 -19.99 19.73
CA HIS A 43 -32.21 -20.78 18.67
C HIS A 43 -30.82 -21.22 19.09
N GLY A 44 -30.53 -22.51 18.95
CA GLY A 44 -29.19 -22.99 19.28
C GLY A 44 -28.10 -22.33 18.46
N PHE A 45 -26.92 -22.22 19.07
CA PHE A 45 -25.83 -21.37 18.58
C PHE A 45 -24.54 -22.09 18.94
N HIS A 46 -23.89 -22.73 17.96
CA HIS A 46 -22.73 -23.54 18.27
C HIS A 46 -21.62 -23.41 17.24
N VAL A 47 -20.40 -23.62 17.70
CA VAL A 47 -19.25 -23.84 16.84
C VAL A 47 -19.16 -25.32 16.53
N HIS A 48 -19.27 -25.65 15.26
CA HIS A 48 -19.04 -26.99 14.78
C HIS A 48 -17.60 -27.16 14.35
N GLU A 49 -17.20 -28.42 14.28
CA GLU A 49 -15.80 -28.81 14.26
C GLU A 49 -15.10 -28.43 12.95
N PHE A 50 -15.73 -28.65 11.81
CA PHE A 50 -15.05 -28.46 10.53
C PHE A 50 -15.58 -27.22 9.85
N GLY A 51 -14.68 -26.50 9.19
CA GLY A 51 -15.04 -25.35 8.37
C GLY A 51 -15.24 -25.79 6.94
N ASP A 52 -15.96 -26.88 6.78
CA ASP A 52 -16.23 -27.50 5.49
C ASP A 52 -17.66 -27.16 5.10
N ASN A 53 -17.82 -26.24 4.15
CA ASN A 53 -19.14 -25.88 3.64
C ASN A 53 -19.41 -26.47 2.26
N THR A 54 -18.77 -27.60 1.91
CA THR A 54 -18.97 -28.20 0.59
C THR A 54 -20.35 -28.86 0.44
N ALA A 55 -20.97 -29.28 1.54
CA ALA A 55 -22.34 -29.78 1.44
C ALA A 55 -23.25 -28.96 2.34
N GLY A 56 -23.20 -27.63 2.20
CA GLY A 56 -23.93 -26.80 3.14
C GLY A 56 -23.54 -27.09 4.59
N CYS A 57 -24.38 -26.57 5.50
CA CYS A 57 -24.09 -26.69 6.92
C CYS A 57 -23.89 -28.13 7.36
N THR A 58 -24.41 -29.10 6.59
CA THR A 58 -24.25 -30.51 6.94
C THR A 58 -22.78 -30.90 7.01
N SER A 59 -21.94 -30.39 6.12
CA SER A 59 -20.56 -30.87 6.13
C SER A 59 -19.74 -30.27 7.27
N ALA A 60 -20.36 -29.47 8.15
CA ALA A 60 -19.61 -28.87 9.26
C ALA A 60 -19.36 -29.86 10.40
N GLY A 61 -19.87 -31.09 10.32
CA GLY A 61 -19.61 -32.05 11.35
C GLY A 61 -20.35 -31.76 12.64
N PRO A 62 -19.92 -32.41 13.71
CA PRO A 62 -20.58 -32.25 15.02
C PRO A 62 -20.05 -31.03 15.76
N HIS A 63 -20.62 -30.78 16.93
CA HIS A 63 -20.17 -29.70 17.78
C HIS A 63 -18.69 -29.83 18.07
N PHE A 64 -17.98 -28.72 18.03
CA PHE A 64 -16.56 -28.71 18.34
C PHE A 64 -16.34 -29.18 19.77
N ASN A 65 -15.74 -30.34 19.94
CA ASN A 65 -15.67 -31.01 21.24
C ASN A 65 -14.30 -31.64 21.46
N PRO A 66 -13.22 -30.84 21.46
CA PRO A 66 -11.88 -31.42 21.65
C PRO A 66 -11.67 -32.09 23.00
N LEU A 67 -12.50 -31.81 24.01
CA LEU A 67 -12.33 -32.46 25.30
C LEU A 67 -13.30 -33.61 25.51
N SER A 68 -14.06 -33.98 24.49
CA SER A 68 -14.98 -35.12 24.55
C SER A 68 -15.87 -35.06 25.80
N ARG A 69 -16.54 -33.93 25.99
CA ARG A 69 -17.53 -33.83 27.04
C ARG A 69 -18.92 -33.95 26.46
N LYS A 70 -19.91 -34.06 27.33
CA LYS A 70 -21.30 -34.05 26.92
C LYS A 70 -21.72 -32.63 26.56
N HIS A 71 -22.68 -32.53 25.63
CA HIS A 71 -23.27 -31.25 25.33
C HIS A 71 -23.88 -30.64 26.60
N GLY A 72 -23.71 -29.33 26.77
CA GLY A 72 -24.23 -28.61 27.91
C GLY A 72 -24.51 -27.19 27.48
N GLY A 73 -24.94 -26.36 28.44
CA GLY A 73 -25.06 -24.94 28.17
C GLY A 73 -23.74 -24.26 28.39
N PRO A 74 -23.57 -23.04 27.85
CA PRO A 74 -22.25 -22.37 27.94
C PRO A 74 -21.81 -22.07 29.35
N LYS A 75 -22.75 -21.85 30.28
CA LYS A 75 -22.38 -21.57 31.66
C LYS A 75 -21.73 -22.79 32.32
N ASP A 76 -22.11 -23.98 31.88
CA ASP A 76 -21.69 -25.18 32.58
C ASP A 76 -20.22 -25.47 32.35
N GLU A 77 -19.65 -26.27 33.24
CA GLU A 77 -18.30 -26.79 33.01
C GLU A 77 -18.35 -28.03 32.13
N GLU A 78 -19.41 -28.85 32.26
CA GLU A 78 -19.63 -29.98 31.37
C GLU A 78 -20.29 -29.44 30.10
N ARG A 79 -19.47 -29.10 29.11
CA ARG A 79 -19.96 -28.58 27.85
C ARG A 79 -18.91 -28.83 26.78
N HIS A 80 -19.37 -28.83 25.53
CA HIS A 80 -18.48 -28.75 24.40
C HIS A 80 -17.88 -27.35 24.30
N VAL A 81 -16.63 -27.28 23.81
CA VAL A 81 -16.04 -25.99 23.56
C VAL A 81 -16.96 -25.15 22.69
N GLY A 82 -17.58 -25.76 21.69
CA GLY A 82 -18.44 -25.01 20.80
C GLY A 82 -19.84 -24.68 21.28
N ASP A 83 -20.20 -25.01 22.52
CA ASP A 83 -21.56 -24.83 23.01
C ASP A 83 -21.75 -23.37 23.42
N LEU A 84 -22.41 -22.57 22.57
CA LEU A 84 -22.65 -21.17 22.90
C LEU A 84 -24.12 -20.88 23.21
N GLY A 85 -24.92 -21.92 23.43
CA GLY A 85 -26.22 -21.72 24.03
C GLY A 85 -27.27 -21.34 23.02
N ASN A 86 -28.04 -20.31 23.35
CA ASN A 86 -29.09 -19.84 22.47
C ASN A 86 -28.90 -18.36 22.16
N VAL A 87 -29.29 -17.99 20.96
CA VAL A 87 -29.59 -16.61 20.67
C VAL A 87 -31.12 -16.46 20.73
N THR A 88 -31.59 -15.23 20.95
CA THR A 88 -33.02 -14.96 21.10
C THR A 88 -33.48 -13.98 20.04
N ALA A 89 -34.44 -14.39 19.20
CA ALA A 89 -35.01 -13.53 18.16
C ALA A 89 -36.32 -12.91 18.64
N ASP A 90 -36.43 -11.59 18.50
CA ASP A 90 -37.65 -10.88 18.83
C ASP A 90 -38.70 -11.11 17.74
N LYS A 91 -39.78 -10.32 17.80
CA LYS A 91 -40.97 -10.51 16.95
C LYS A 91 -40.66 -10.15 15.51
N ASP A 92 -39.71 -9.22 15.31
CA ASP A 92 -39.18 -8.93 13.99
C ASP A 92 -38.38 -10.09 13.43
N GLY A 93 -37.93 -11.01 14.30
CA GLY A 93 -37.03 -12.06 13.86
C GLY A 93 -35.57 -11.68 13.89
N VAL A 94 -35.20 -10.68 14.67
CA VAL A 94 -33.83 -10.18 14.79
C VAL A 94 -33.32 -10.58 16.16
N ALA A 95 -32.34 -11.47 16.19
CA ALA A 95 -31.58 -11.78 17.40
C ALA A 95 -30.33 -10.94 17.38
N ASP A 96 -30.32 -9.89 18.19
CA ASP A 96 -29.08 -9.23 18.56
C ASP A 96 -28.31 -10.15 19.50
N VAL A 97 -26.99 -10.22 19.29
CA VAL A 97 -26.14 -11.16 19.99
C VAL A 97 -25.04 -10.38 20.66
N SER A 98 -24.89 -10.56 21.96
CA SER A 98 -23.76 -9.99 22.66
C SER A 98 -23.48 -10.87 23.88
N ILE A 99 -22.39 -11.64 23.80
CA ILE A 99 -22.03 -12.60 24.83
C ILE A 99 -20.51 -12.57 24.95
N GLU A 100 -20.01 -13.25 25.99
CA GLU A 100 -18.58 -13.35 26.22
C GLU A 100 -18.31 -14.71 26.84
N ASP A 101 -17.31 -15.40 26.33
CA ASP A 101 -17.05 -16.77 26.72
C ASP A 101 -15.56 -16.97 26.83
N SER A 102 -15.08 -17.59 27.92
CA SER A 102 -13.67 -17.88 28.01
C SER A 102 -13.35 -19.36 27.74
N VAL A 103 -14.35 -20.16 27.33
CA VAL A 103 -14.10 -21.54 26.93
C VAL A 103 -13.59 -21.61 25.49
N ILE A 104 -14.26 -20.94 24.55
CA ILE A 104 -13.74 -20.85 23.19
C ILE A 104 -12.46 -20.03 23.23
N SER A 105 -11.74 -20.00 22.11
CA SER A 105 -10.52 -19.22 21.99
C SER A 105 -10.28 -18.92 20.53
N LEU A 106 -9.59 -17.83 20.27
CA LEU A 106 -9.11 -17.53 18.93
C LEU A 106 -7.65 -17.91 18.75
N SER A 107 -7.03 -18.56 19.75
CA SER A 107 -5.69 -19.12 19.63
C SER A 107 -5.63 -20.40 20.44
N GLY A 108 -4.56 -21.17 20.24
CA GLY A 108 -4.33 -22.35 21.03
C GLY A 108 -5.16 -23.54 20.58
N ASP A 109 -5.38 -24.46 21.52
CA ASP A 109 -6.01 -25.74 21.21
C ASP A 109 -7.51 -25.63 21.08
N HIS A 110 -8.16 -24.77 21.86
CA HIS A 110 -9.58 -24.54 21.68
C HIS A 110 -9.86 -23.53 20.57
N CYS A 111 -8.90 -23.32 19.67
CA CYS A 111 -9.07 -22.32 18.63
C CYS A 111 -10.26 -22.68 17.75
N ILE A 112 -11.06 -21.67 17.41
CA ILE A 112 -12.22 -21.89 16.57
C ILE A 112 -12.08 -21.20 15.23
N ILE A 113 -10.96 -20.52 14.98
CA ILE A 113 -10.71 -19.97 13.64
C ILE A 113 -10.71 -21.12 12.64
N GLY A 114 -11.38 -20.92 11.52
CA GLY A 114 -11.46 -21.96 10.52
C GLY A 114 -12.49 -23.04 10.78
N ARG A 115 -13.29 -22.94 11.85
CA ARG A 115 -14.40 -23.86 12.10
C ARG A 115 -15.72 -23.18 11.70
N THR A 116 -16.86 -23.79 12.04
CA THR A 116 -18.13 -23.27 11.52
C THR A 116 -19.05 -22.78 12.63
N LEU A 117 -19.63 -21.62 12.45
CA LEU A 117 -20.65 -21.12 13.36
C LEU A 117 -22.00 -21.43 12.76
N VAL A 118 -22.90 -22.01 13.58
CA VAL A 118 -24.18 -22.52 13.09
C VAL A 118 -25.29 -22.03 14.02
N VAL A 119 -26.36 -21.50 13.43
CA VAL A 119 -27.59 -21.16 14.15
C VAL A 119 -28.71 -22.09 13.67
N HIS A 120 -29.42 -22.67 14.65
CA HIS A 120 -30.35 -23.79 14.47
C HIS A 120 -31.82 -23.37 14.46
N GLU A 121 -32.68 -24.31 14.06
CA GLU A 121 -34.10 -23.96 13.97
C GLU A 121 -34.76 -23.95 15.35
N LYS A 122 -34.49 -24.94 16.19
CA LYS A 122 -35.11 -25.01 17.51
C LYS A 122 -34.15 -24.50 18.59
N ALA A 123 -34.72 -24.31 19.78
CA ALA A 123 -33.94 -23.99 20.97
C ALA A 123 -33.03 -25.14 21.36
N ASP A 124 -31.80 -24.81 21.73
CA ASP A 124 -30.91 -25.76 22.38
C ASP A 124 -31.42 -26.03 23.81
N ASP A 125 -31.60 -27.30 24.17
CA ASP A 125 -32.06 -27.58 25.53
C ASP A 125 -30.94 -27.66 26.54
N LEU A 126 -29.70 -27.35 26.12
CA LEU A 126 -28.57 -27.21 27.04
C LEU A 126 -28.21 -28.52 27.74
N GLY A 127 -28.51 -29.65 27.13
CA GLY A 127 -28.21 -30.94 27.72
C GLY A 127 -29.17 -31.39 28.82
N LYS A 128 -30.33 -30.76 28.94
CA LYS A 128 -31.29 -31.08 30.00
C LYS A 128 -32.52 -31.82 29.49
N GLY A 129 -32.51 -32.26 28.24
CA GLY A 129 -33.67 -32.92 27.64
C GLY A 129 -33.90 -34.34 28.13
N GLY A 130 -32.99 -34.90 28.92
CA GLY A 130 -33.22 -36.21 29.52
C GLY A 130 -33.07 -37.40 28.59
N ASN A 131 -32.63 -37.20 27.34
CA ASN A 131 -32.33 -38.33 26.47
C ASN A 131 -30.88 -38.21 26.01
N GLU A 132 -30.43 -39.19 25.22
CA GLU A 132 -29.04 -39.11 24.80
C GLU A 132 -28.85 -38.10 23.67
N GLU A 133 -29.88 -37.84 22.86
CA GLU A 133 -29.77 -36.78 21.87
C GLU A 133 -29.53 -35.41 22.52
N SER A 134 -30.09 -35.19 23.70
CA SER A 134 -29.83 -33.93 24.39
C SER A 134 -28.36 -33.80 24.76
N THR A 135 -27.76 -34.87 25.27
CA THR A 135 -26.36 -34.83 25.69
C THR A 135 -25.41 -34.80 24.52
N LYS A 136 -25.92 -34.81 23.30
CA LYS A 136 -25.11 -34.75 22.09
C LYS A 136 -25.26 -33.44 21.33
N THR A 137 -26.49 -33.05 21.02
CA THR A 137 -26.74 -31.81 20.30
C THR A 137 -27.69 -30.84 21.01
N GLY A 138 -28.25 -31.22 22.16
CA GLY A 138 -29.25 -30.37 22.79
C GLY A 138 -30.54 -30.23 22.01
N ASN A 139 -30.79 -31.11 21.03
CA ASN A 139 -32.05 -31.13 20.30
C ASN A 139 -32.34 -29.81 19.60
N ALA A 140 -31.30 -29.12 19.13
CA ALA A 140 -31.50 -27.83 18.45
C ALA A 140 -32.10 -27.95 17.06
N GLY A 141 -32.25 -29.14 16.53
CA GLY A 141 -32.82 -29.28 15.21
C GLY A 141 -31.82 -28.99 14.11
N SER A 142 -32.37 -28.67 12.93
CA SER A 142 -31.62 -28.51 11.70
C SER A 142 -30.83 -27.22 11.70
N ARG A 143 -29.88 -27.14 10.78
CA ARG A 143 -28.99 -25.99 10.67
C ARG A 143 -29.60 -25.00 9.69
N LEU A 144 -30.00 -23.85 10.20
CA LEU A 144 -30.62 -22.82 9.38
C LEU A 144 -29.57 -21.95 8.71
N ALA A 145 -28.50 -21.61 9.41
CA ALA A 145 -27.44 -20.91 8.68
C ALA A 145 -26.11 -21.22 9.31
N CYS A 146 -25.05 -21.04 8.52
CA CYS A 146 -23.69 -21.25 9.01
C CYS A 146 -22.74 -20.37 8.25
N GLY A 147 -21.53 -20.28 8.78
CA GLY A 147 -20.44 -19.64 8.09
C GLY A 147 -19.13 -20.13 8.65
N VAL A 148 -18.07 -19.99 7.84
CA VAL A 148 -16.73 -20.28 8.33
C VAL A 148 -16.22 -19.08 9.12
N ILE A 149 -15.56 -19.34 10.22
CA ILE A 149 -15.01 -18.30 11.10
C ILE A 149 -13.63 -17.90 10.58
N GLY A 150 -13.47 -16.64 10.19
CA GLY A 150 -12.23 -16.21 9.56
C GLY A 150 -11.55 -15.08 10.29
N ILE A 151 -10.24 -14.93 10.05
CA ILE A 151 -9.45 -13.90 10.71
C ILE A 151 -9.86 -12.52 10.19
N ALA A 152 -10.00 -11.56 11.10
CA ALA A 152 -10.38 -10.21 10.72
C ALA A 152 -9.31 -9.23 11.17
N GLN A 153 -9.33 -8.05 10.57
CA GLN A 153 -8.33 -7.02 10.84
C GLN A 153 -8.55 -6.27 12.14
N LEU B 4 -12.82 -20.33 45.05
CA LEU B 4 -13.00 -18.89 45.26
C LEU B 4 -12.75 -18.54 46.72
N GLN B 5 -11.53 -18.10 47.04
CA GLN B 5 -11.14 -17.86 48.43
C GLN B 5 -11.39 -16.39 48.80
N GLU B 6 -12.20 -16.17 49.83
CA GLU B 6 -12.54 -14.83 50.29
C GLU B 6 -11.78 -14.46 51.56
N SER B 7 -11.40 -13.18 51.67
CA SER B 7 -10.73 -12.65 52.84
C SER B 7 -11.29 -11.25 53.16
N GLY B 8 -11.03 -10.78 54.37
CA GLY B 8 -11.68 -9.57 54.84
C GLY B 8 -13.00 -9.88 55.54
N GLY B 9 -13.70 -8.82 55.93
CA GLY B 9 -14.97 -8.97 56.61
C GLY B 9 -14.85 -8.60 58.07
N GLY B 10 -15.91 -8.88 58.81
CA GLY B 10 -15.92 -8.63 60.24
C GLY B 10 -16.88 -7.53 60.65
N LEU B 11 -16.60 -6.95 61.81
CA LEU B 11 -17.44 -5.94 62.41
C LEU B 11 -16.87 -4.56 62.10
N VAL B 12 -17.76 -3.59 61.96
CA VAL B 12 -17.36 -2.20 61.72
C VAL B 12 -18.50 -1.34 62.26
N GLN B 13 -18.14 -0.17 62.78
CA GLN B 13 -19.17 0.77 63.21
C GLN B 13 -19.74 1.53 62.03
N ALA B 14 -21.03 1.88 62.14
CA ALA B 14 -21.72 2.59 61.08
C ALA B 14 -20.94 3.83 60.68
N GLY B 15 -20.93 4.12 59.38
CA GLY B 15 -20.11 5.15 58.81
C GLY B 15 -18.74 4.70 58.37
N GLY B 16 -18.24 3.57 58.89
CA GLY B 16 -16.89 3.13 58.63
C GLY B 16 -16.71 2.41 57.31
N SER B 17 -15.54 1.79 57.17
CA SER B 17 -15.11 1.18 55.93
C SER B 17 -14.57 -0.22 56.22
N LEU B 18 -14.58 -1.03 55.17
CA LEU B 18 -14.19 -2.42 55.25
C LEU B 18 -13.83 -2.85 53.84
N ARG B 19 -12.80 -3.66 53.71
CA ARG B 19 -12.39 -4.16 52.41
C ARG B 19 -12.56 -5.67 52.40
N LEU B 20 -13.32 -6.17 51.42
CA LEU B 20 -13.37 -7.58 51.11
C LEU B 20 -12.47 -7.87 49.93
N SER B 21 -12.01 -9.13 49.84
CA SER B 21 -11.26 -9.54 48.67
C SER B 21 -11.59 -10.99 48.39
N CYS B 22 -11.37 -11.39 47.16
CA CYS B 22 -11.63 -12.76 46.73
C CYS B 22 -10.65 -13.12 45.62
N ALA B 23 -9.85 -14.15 45.85
CA ALA B 23 -8.89 -14.66 44.87
C ALA B 23 -9.39 -15.99 44.31
N ALA B 24 -9.46 -16.08 42.99
CA ALA B 24 -9.84 -17.30 42.32
C ALA B 24 -8.59 -18.16 42.15
N SER B 25 -8.69 -19.43 42.55
CA SER B 25 -7.56 -20.34 42.45
C SER B 25 -8.03 -21.65 41.83
N GLY B 26 -7.24 -22.16 40.89
CA GLY B 26 -7.54 -23.45 40.30
C GLY B 26 -8.82 -23.47 39.49
N LEU B 27 -9.14 -22.37 38.82
CA LEU B 27 -10.41 -22.43 38.11
C LEU B 27 -10.18 -23.03 36.72
N PRO B 28 -11.15 -23.79 36.19
CA PRO B 28 -10.97 -24.39 34.86
C PRO B 28 -10.62 -23.38 33.77
N TYR B 29 -11.34 -22.27 33.69
CA TYR B 29 -11.06 -21.24 32.70
C TYR B 29 -11.00 -19.88 33.38
N ARG B 30 -10.59 -18.87 32.64
CA ARG B 30 -10.60 -17.51 33.15
C ARG B 30 -12.04 -17.05 33.38
N THR B 31 -12.22 -16.19 34.37
CA THR B 31 -13.52 -15.62 34.68
C THR B 31 -13.91 -14.54 33.68
N VAL B 32 -15.20 -14.47 33.36
CA VAL B 32 -15.75 -13.41 32.53
C VAL B 32 -16.19 -12.30 33.47
N PHE B 33 -17.17 -12.58 34.34
CA PHE B 33 -17.48 -11.69 35.44
C PHE B 33 -17.12 -12.33 36.77
N MET B 34 -16.67 -11.52 37.71
CA MET B 34 -16.43 -11.97 39.07
C MET B 34 -16.89 -10.87 40.01
N GLY B 35 -17.48 -11.24 41.15
CA GLY B 35 -17.95 -10.24 42.07
C GLY B 35 -18.51 -10.69 43.39
N TRP B 36 -19.42 -9.89 43.95
CA TRP B 36 -19.91 -10.02 45.32
C TRP B 36 -21.42 -9.95 45.35
N PHE B 37 -22.01 -10.95 46.01
CA PHE B 37 -23.41 -11.03 46.37
C PHE B 37 -23.54 -11.02 47.89
N ARG B 38 -24.73 -10.75 48.39
CA ARG B 38 -24.88 -10.71 49.83
C ARG B 38 -26.27 -11.17 50.21
N GLN B 39 -26.39 -11.67 51.43
CA GLN B 39 -27.63 -12.21 51.96
C GLN B 39 -27.79 -11.68 53.37
N GLY B 40 -28.71 -10.75 53.55
CA GLY B 40 -28.99 -10.22 54.85
C GLY B 40 -29.87 -11.15 55.65
N PRO B 41 -29.95 -10.89 56.97
CA PRO B 41 -30.78 -11.72 57.85
C PRO B 41 -32.20 -11.88 57.32
N GLY B 42 -32.55 -13.10 56.92
CA GLY B 42 -33.89 -13.37 56.44
C GLY B 42 -34.21 -12.92 55.03
N LYS B 43 -33.26 -12.39 54.29
CA LYS B 43 -33.58 -11.85 52.98
C LYS B 43 -33.03 -12.73 51.87
N GLU B 44 -33.41 -12.41 50.65
CA GLU B 44 -32.93 -13.16 49.50
C GLU B 44 -31.58 -12.60 49.08
N ARG B 45 -30.68 -13.51 48.68
CA ARG B 45 -29.39 -13.14 48.11
C ARG B 45 -29.55 -12.15 46.96
N GLU B 46 -28.76 -11.08 47.00
CA GLU B 46 -28.79 -10.05 45.98
C GLU B 46 -27.38 -9.74 45.52
N GLY B 47 -27.27 -9.33 44.25
CA GLY B 47 -25.99 -8.91 43.72
C GLY B 47 -25.62 -7.53 44.26
N VAL B 48 -24.35 -7.38 44.58
CA VAL B 48 -23.81 -6.15 45.13
C VAL B 48 -22.93 -5.45 44.11
N ALA B 49 -21.88 -6.13 43.65
CA ALA B 49 -21.00 -5.51 42.65
C ALA B 49 -20.27 -6.59 41.91
N VAL B 50 -20.20 -6.47 40.58
CA VAL B 50 -19.36 -7.38 39.80
C VAL B 50 -18.50 -6.58 38.84
N ILE B 51 -17.39 -7.20 38.40
CA ILE B 51 -16.44 -6.58 37.48
C ILE B 51 -16.03 -7.60 36.40
N ASN B 52 -15.92 -7.10 35.17
CA ASN B 52 -15.56 -7.90 34.01
C ASN B 52 -14.07 -8.22 34.01
N ALA B 53 -13.70 -9.24 33.23
CA ALA B 53 -12.30 -9.59 33.05
C ALA B 53 -11.43 -8.39 32.67
N ASP B 54 -11.96 -7.43 31.90
CA ASP B 54 -11.15 -6.27 31.48
C ASP B 54 -10.68 -5.43 32.65
N GLY B 55 -11.23 -5.64 33.84
CA GLY B 55 -10.84 -4.84 34.99
C GLY B 55 -11.42 -3.45 35.04
N VAL B 56 -12.36 -3.10 34.14
CA VAL B 56 -12.86 -1.73 34.06
C VAL B 56 -14.39 -1.70 34.14
N SER B 57 -15.06 -2.61 33.45
CA SER B 57 -16.51 -2.57 33.35
C SER B 57 -17.13 -3.19 34.59
N THR B 58 -17.96 -2.41 35.29
CA THR B 58 -18.48 -2.79 36.59
C THR B 58 -20.00 -2.67 36.61
N TYR B 59 -20.63 -3.36 37.58
CA TYR B 59 -22.05 -3.17 37.84
C TYR B 59 -22.29 -3.18 39.34
N TYR B 60 -23.10 -2.22 39.78
CA TYR B 60 -23.38 -1.99 41.20
C TYR B 60 -24.88 -2.01 41.43
N ALA B 61 -25.30 -2.73 42.47
CA ALA B 61 -26.67 -2.58 42.95
C ALA B 61 -26.94 -1.12 43.26
N ASP B 62 -28.17 -0.67 42.98
CA ASP B 62 -28.51 0.71 43.25
C ASP B 62 -28.28 1.09 44.71
N SER B 63 -28.42 0.12 45.63
CA SER B 63 -28.34 0.43 47.06
C SER B 63 -26.92 0.68 47.54
N VAL B 64 -25.90 0.32 46.76
CA VAL B 64 -24.52 0.53 47.15
C VAL B 64 -23.80 1.53 46.27
N LYS B 65 -24.49 2.09 45.28
CA LYS B 65 -23.88 3.02 44.35
C LYS B 65 -23.21 4.18 45.07
N GLY B 66 -21.96 4.45 44.71
CA GLY B 66 -21.22 5.55 45.30
C GLY B 66 -20.61 5.30 46.66
N ARG B 67 -20.99 4.22 47.33
CA ARG B 67 -20.35 3.87 48.58
C ARG B 67 -19.38 2.71 48.41
N PHE B 68 -19.67 1.78 47.49
CA PHE B 68 -18.86 0.60 47.28
C PHE B 68 -18.15 0.74 45.94
N THR B 69 -16.93 0.24 45.90
CA THR B 69 -16.21 0.22 44.63
C THR B 69 -15.45 -1.11 44.52
N ILE B 70 -15.76 -1.85 43.45
CA ILE B 70 -15.06 -3.10 43.14
C ILE B 70 -13.92 -2.80 42.19
N SER B 71 -12.79 -3.46 42.41
CA SER B 71 -11.63 -3.33 41.55
C SER B 71 -10.97 -4.70 41.45
N GLN B 72 -9.98 -4.81 40.56
CA GLN B 72 -9.40 -6.11 40.25
C GLN B 72 -7.87 -6.02 40.18
N ASP B 73 -7.20 -6.96 40.85
CA ASP B 73 -5.77 -7.17 40.62
C ASP B 73 -5.56 -8.30 39.62
N LYS B 76 -3.00 -10.88 40.03
CA LYS B 76 -3.30 -11.73 41.18
C LYS B 76 -4.65 -12.41 41.00
N ASN B 77 -5.34 -12.03 39.91
CA ASN B 77 -6.73 -12.37 39.63
C ASN B 77 -7.55 -12.38 40.92
N THR B 78 -7.35 -11.36 41.74
CA THR B 78 -8.16 -11.11 42.92
C THR B 78 -9.03 -9.89 42.66
N VAL B 79 -10.22 -9.90 43.24
CA VAL B 79 -11.12 -8.75 43.21
C VAL B 79 -11.24 -8.21 44.63
N TYR B 80 -11.50 -6.91 44.70
CA TYR B 80 -11.59 -6.18 45.96
C TYR B 80 -12.90 -5.40 45.97
N LEU B 81 -13.52 -5.36 47.13
CA LEU B 81 -14.73 -4.58 47.35
C LEU B 81 -14.43 -3.62 48.49
N GLN B 82 -14.20 -2.37 48.12
CA GLN B 82 -14.00 -1.29 49.08
C GLN B 82 -15.37 -0.79 49.50
N MET B 83 -15.73 -0.98 50.76
CA MET B 83 -17.04 -0.60 51.24
C MET B 83 -16.85 0.59 52.18
N ASN B 84 -17.43 1.72 51.79
CA ASN B 84 -17.41 2.93 52.60
C ASN B 84 -18.81 3.27 53.04
N SER B 85 -18.90 4.19 54.01
CA SER B 85 -20.16 4.69 54.52
C SER B 85 -21.11 3.55 54.87
N LEU B 86 -20.58 2.54 55.55
CA LEU B 86 -21.35 1.34 55.85
C LEU B 86 -22.50 1.66 56.80
N LYS B 87 -23.67 1.10 56.51
CA LYS B 87 -24.88 1.26 57.31
C LYS B 87 -25.34 -0.08 57.84
N PRO B 88 -26.16 -0.10 58.91
CA PRO B 88 -26.67 -1.38 59.44
C PRO B 88 -27.30 -2.27 58.39
N GLU B 89 -28.04 -1.69 57.43
CA GLU B 89 -28.62 -2.42 56.31
C GLU B 89 -27.59 -3.13 55.44
N ASP B 90 -26.30 -2.85 55.58
CA ASP B 90 -25.29 -3.61 54.84
C ASP B 90 -24.87 -4.88 55.56
N THR B 91 -25.35 -5.12 56.79
CA THR B 91 -25.04 -6.34 57.52
C THR B 91 -25.57 -7.55 56.77
N ALA B 92 -24.71 -8.54 56.55
CA ALA B 92 -25.05 -9.64 55.65
C ALA B 92 -23.90 -10.63 55.62
N ILE B 93 -24.18 -11.79 55.04
CA ILE B 93 -23.12 -12.69 54.60
C ILE B 93 -22.85 -12.41 53.13
N TYR B 94 -21.60 -12.15 52.81
CA TYR B 94 -21.18 -11.70 51.50
C TYR B 94 -20.45 -12.86 50.83
N HIS B 95 -20.92 -13.26 49.66
CA HIS B 95 -20.32 -14.34 48.89
C HIS B 95 -19.64 -13.80 47.65
N CYS B 96 -18.41 -14.25 47.41
CA CYS B 96 -17.79 -14.08 46.11
C CYS B 96 -18.43 -15.03 45.10
N ALA B 97 -18.46 -14.62 43.84
CA ALA B 97 -19.12 -15.41 42.80
C ALA B 97 -18.49 -15.13 41.45
N ALA B 98 -18.68 -16.05 40.51
CA ALA B 98 -18.03 -15.90 39.21
C ALA B 98 -18.68 -16.81 38.18
N ASN B 99 -18.34 -16.53 36.93
CA ASN B 99 -18.76 -17.33 35.78
C ASN B 99 -17.62 -17.34 34.77
N HIS B 100 -17.71 -18.24 33.79
CA HIS B 100 -16.79 -18.26 32.67
C HIS B 100 -17.51 -17.95 31.37
N PHE B 101 -18.70 -17.39 31.47
CA PHE B 101 -19.53 -17.01 30.35
C PHE B 101 -20.59 -16.05 30.85
N PHE B 102 -20.97 -15.12 30.00
CA PHE B 102 -22.04 -14.20 30.35
C PHE B 102 -22.71 -13.70 29.08
N ASP B 103 -24.03 -13.70 29.10
CA ASP B 103 -24.85 -13.19 28.01
C ASP B 103 -25.33 -11.79 28.40
N TYR B 104 -24.83 -10.77 27.70
CA TYR B 104 -25.14 -9.39 28.09
C TYR B 104 -26.61 -9.03 27.92
N SER B 105 -27.42 -9.90 27.34
CA SER B 105 -28.86 -9.72 27.47
C SER B 105 -29.37 -10.05 28.87
N ARG B 106 -28.55 -10.67 29.72
CA ARG B 106 -28.99 -11.09 31.04
C ARG B 106 -28.62 -10.03 32.07
N ASP B 107 -29.06 -10.26 33.31
CA ASP B 107 -28.82 -9.33 34.41
C ASP B 107 -27.50 -9.67 35.08
N PRO B 108 -26.49 -8.81 35.02
CA PRO B 108 -25.16 -9.16 35.57
C PRO B 108 -25.13 -9.27 37.08
N LEU B 109 -26.18 -8.81 37.77
CA LEU B 109 -26.25 -8.94 39.21
C LEU B 109 -27.28 -9.97 39.63
N ALA B 110 -27.69 -10.87 38.74
CA ALA B 110 -28.62 -11.94 39.10
C ALA B 110 -27.85 -13.20 39.47
N THR B 111 -28.27 -13.84 40.57
CA THR B 111 -27.56 -15.01 41.10
C THR B 111 -27.52 -16.13 40.08
N ALA B 112 -28.55 -16.25 39.25
CA ALA B 112 -28.59 -17.36 38.30
C ALA B 112 -27.52 -17.27 37.21
N GLU B 113 -26.86 -16.12 37.05
CA GLU B 113 -25.83 -15.98 36.02
C GLU B 113 -24.44 -16.33 36.54
N TYR B 114 -24.37 -16.94 37.72
CA TYR B 114 -23.10 -17.27 38.35
C TYR B 114 -23.21 -18.67 38.93
N ASN B 115 -22.22 -19.51 38.67
CA ASN B 115 -22.21 -20.85 39.20
C ASN B 115 -20.95 -21.21 39.99
N TYR B 116 -19.91 -20.38 39.95
CA TYR B 116 -18.81 -20.48 40.90
C TYR B 116 -19.13 -19.57 42.09
N TRP B 117 -18.83 -20.07 43.28
CA TRP B 117 -19.23 -19.40 44.52
C TRP B 117 -18.22 -19.61 45.63
N GLY B 118 -18.12 -18.59 46.50
CA GLY B 118 -17.25 -18.66 47.65
C GLY B 118 -18.00 -19.16 48.85
N GLN B 119 -17.22 -19.45 49.90
CA GLN B 119 -17.83 -20.05 51.08
C GLN B 119 -18.68 -19.05 51.86
N GLY B 120 -18.34 -17.75 51.81
CA GLY B 120 -19.10 -16.74 52.52
C GLY B 120 -18.28 -16.00 53.56
N THR B 121 -18.60 -14.72 53.79
CA THR B 121 -17.94 -13.90 54.80
C THR B 121 -18.96 -13.08 55.56
N GLN B 122 -18.87 -13.07 56.89
CA GLN B 122 -19.77 -12.24 57.67
C GLN B 122 -19.33 -10.79 57.68
N VAL B 123 -20.30 -9.89 57.56
CA VAL B 123 -20.07 -8.45 57.68
C VAL B 123 -21.16 -7.89 58.59
N THR B 124 -20.76 -7.27 59.69
CA THR B 124 -21.68 -6.75 60.68
C THR B 124 -21.37 -5.29 60.93
N VAL B 125 -22.38 -4.44 60.75
CA VAL B 125 -22.23 -2.99 60.90
C VAL B 125 -23.04 -2.57 62.12
N SER B 126 -22.36 -2.13 63.18
CA SER B 126 -22.99 -1.79 64.44
C SER B 126 -23.62 -0.41 64.37
N SER B 127 -24.67 -0.23 65.18
CA SER B 127 -25.36 1.04 65.42
C SER B 127 -26.17 1.48 64.21
N ALA C 1 18.17 11.96 -8.26
CA ALA C 1 17.70 11.03 -9.30
C ALA C 1 16.21 11.23 -9.64
N THR C 2 15.91 12.05 -10.65
CA THR C 2 14.54 12.41 -11.00
C THR C 2 14.16 11.87 -12.37
N LYS C 3 12.90 11.44 -12.51
CA LYS C 3 12.32 11.13 -13.82
C LYS C 3 11.11 12.01 -14.06
N ALA C 4 10.86 12.31 -15.34
CA ALA C 4 9.68 13.06 -15.75
C ALA C 4 9.11 12.43 -17.02
N VAL C 5 7.87 12.78 -17.33
CA VAL C 5 7.21 12.22 -18.49
C VAL C 5 6.23 13.25 -19.03
N CYS C 6 5.93 13.16 -20.31
CA CYS C 6 5.03 14.08 -20.95
C CYS C 6 4.26 13.33 -22.02
N VAL C 7 2.95 13.49 -22.03
CA VAL C 7 2.09 12.96 -23.08
C VAL C 7 1.75 14.13 -24.01
N LEU C 8 2.15 14.03 -25.27
CA LEU C 8 1.87 15.10 -26.22
C LEU C 8 0.63 14.75 -27.02
N LYS C 9 -0.33 15.67 -27.03
CA LYS C 9 -1.52 15.59 -27.85
C LYS C 9 -1.80 16.98 -28.42
N GLY C 10 -2.64 17.01 -29.45
CA GLY C 10 -3.00 18.26 -30.09
C GLY C 10 -4.31 18.10 -30.80
N ASP C 11 -4.62 19.07 -31.67
CA ASP C 11 -5.89 19.10 -32.37
C ASP C 11 -5.93 18.14 -33.56
N GLY C 12 -4.79 17.65 -34.02
CA GLY C 12 -4.73 16.75 -35.14
C GLY C 12 -4.39 15.33 -34.73
N PRO C 13 -3.69 14.61 -35.60
CA PRO C 13 -3.30 13.22 -35.33
C PRO C 13 -1.94 13.05 -34.66
N VAL C 14 -1.24 14.14 -34.40
CA VAL C 14 0.12 14.07 -33.88
C VAL C 14 0.04 13.78 -32.39
N GLN C 15 0.61 12.66 -31.97
CA GLN C 15 0.62 12.41 -30.54
C GLN C 15 1.79 11.52 -30.20
N GLY C 16 2.18 11.52 -28.93
CA GLY C 16 3.29 10.67 -28.54
C GLY C 16 3.61 10.81 -27.07
N ILE C 17 4.72 10.20 -26.67
CA ILE C 17 5.12 10.10 -25.26
C ILE C 17 6.63 10.32 -25.17
N ILE C 18 7.06 11.16 -24.21
CA ILE C 18 8.45 11.55 -24.05
C ILE C 18 8.84 11.42 -22.58
N ASN C 19 9.96 10.73 -22.31
CA ASN C 19 10.49 10.53 -20.97
C ASN C 19 11.77 11.36 -20.78
N PHE C 20 12.01 11.74 -19.52
CA PHE C 20 13.17 12.51 -19.07
C PHE C 20 13.76 11.80 -17.87
N GLU C 21 15.08 11.82 -17.78
CA GLU C 21 15.74 11.17 -16.66
C GLU C 21 17.05 11.88 -16.36
N GLN C 22 17.25 12.23 -15.09
CA GLN C 22 18.43 12.97 -14.65
C GLN C 22 18.92 12.30 -13.37
N LYS C 23 20.03 11.57 -13.47
CA LYS C 23 20.56 10.87 -12.30
C LYS C 23 21.31 11.78 -11.33
N GLU C 24 21.68 12.99 -11.75
CA GLU C 24 22.35 13.93 -10.86
C GLU C 24 21.74 15.30 -11.05
N SER C 25 21.58 16.04 -9.95
CA SER C 25 21.23 17.45 -10.09
C SER C 25 22.30 18.15 -10.92
N ASN C 26 21.85 18.99 -11.86
CA ASN C 26 22.72 19.69 -12.80
C ASN C 26 23.59 18.72 -13.60
N GLY C 27 23.08 17.51 -13.81
CA GLY C 27 23.64 16.57 -14.75
C GLY C 27 22.80 16.49 -15.99
N PRO C 28 23.29 15.79 -17.01
CA PRO C 28 22.56 15.74 -18.28
C PRO C 28 21.26 14.98 -18.14
N VAL C 29 20.28 15.39 -18.93
CA VAL C 29 18.94 14.83 -18.92
C VAL C 29 18.76 14.01 -20.19
N LYS C 30 18.46 12.73 -20.04
CA LYS C 30 18.10 11.90 -21.18
C LYS C 30 16.64 12.12 -21.53
N VAL C 31 16.36 12.28 -22.82
CA VAL C 31 15.04 12.58 -23.35
C VAL C 31 14.76 11.58 -24.46
N TRP C 32 13.79 10.70 -24.23
CA TRP C 32 13.58 9.62 -25.20
C TRP C 32 12.11 9.26 -25.29
N GLY C 33 11.71 8.80 -26.46
CA GLY C 33 10.33 8.35 -26.63
C GLY C 33 9.95 8.35 -28.11
N SER C 34 8.67 8.50 -28.36
CA SER C 34 8.17 8.37 -29.71
C SER C 34 6.99 9.29 -29.96
N ILE C 35 7.01 9.99 -31.10
CA ILE C 35 5.90 10.80 -31.59
C ILE C 35 5.43 10.17 -32.90
N LYS C 36 4.11 10.13 -33.12
CA LYS C 36 3.55 9.64 -34.37
C LYS C 36 2.52 10.60 -34.94
N GLY C 37 2.13 10.35 -36.19
CA GLY C 37 1.24 11.23 -36.93
C GLY C 37 1.88 12.44 -37.58
N LEU C 38 3.20 12.47 -37.72
CA LEU C 38 3.92 13.58 -38.33
C LEU C 38 4.15 13.38 -39.81
N THR C 39 4.24 14.50 -40.53
CA THR C 39 4.78 14.45 -41.88
C THR C 39 6.25 14.05 -41.84
N GLU C 40 6.69 13.38 -42.91
CA GLU C 40 8.09 12.97 -43.02
C GLU C 40 8.97 14.20 -43.02
N GLY C 41 10.00 14.22 -42.17
CA GLY C 41 10.89 15.34 -42.16
C GLY C 41 11.16 15.85 -40.75
N LEU C 42 11.69 17.08 -40.68
CA LEU C 42 12.15 17.68 -39.44
C LEU C 42 11.03 18.51 -38.81
N HIS C 43 10.93 18.45 -37.48
CA HIS C 43 9.88 19.11 -36.72
C HIS C 43 10.50 19.76 -35.49
N GLY C 44 10.34 21.08 -35.35
CA GLY C 44 10.75 21.79 -34.15
C GLY C 44 10.25 21.17 -32.84
N PHE C 45 11.05 21.32 -31.78
CA PHE C 45 10.90 20.52 -30.55
C PHE C 45 11.38 21.38 -29.39
N HIS C 46 10.44 21.94 -28.61
CA HIS C 46 10.82 22.90 -27.58
C HIS C 46 10.07 22.71 -26.27
N VAL C 47 10.73 23.12 -25.19
CA VAL C 47 10.04 23.37 -23.92
C VAL C 47 9.63 24.83 -23.90
N HIS C 48 8.32 25.09 -23.85
CA HIS C 48 7.77 26.42 -23.65
C HIS C 48 7.48 26.67 -22.18
N GLU C 49 7.36 27.95 -21.84
CA GLU C 49 7.52 28.44 -20.46
C GLU C 49 6.39 27.97 -19.53
N PHE C 50 5.15 27.94 -20.00
CA PHE C 50 3.99 27.74 -19.15
C PHE C 50 3.36 26.39 -19.42
N GLY C 51 3.05 25.65 -18.35
CA GLY C 51 2.26 24.45 -18.45
C GLY C 51 0.78 24.74 -18.46
N ASP C 52 0.39 25.72 -19.26
CA ASP C 52 -1.00 26.15 -19.40
C ASP C 52 -1.57 25.50 -20.66
N ASN C 53 -2.39 24.46 -20.47
CA ASN C 53 -3.07 23.84 -21.60
C ASN C 53 -4.54 24.26 -21.71
N THR C 54 -4.89 25.42 -21.12
CA THR C 54 -6.28 25.87 -21.20
C THR C 54 -6.67 26.26 -22.62
N ALA C 55 -5.80 26.99 -23.32
CA ALA C 55 -6.05 27.36 -24.70
C ALA C 55 -5.41 26.39 -25.68
N GLY C 56 -5.39 25.09 -25.34
CA GLY C 56 -4.62 24.16 -26.13
C GLY C 56 -3.13 24.45 -26.04
N CYS C 57 -2.43 24.28 -27.17
CA CYS C 57 -1.00 24.56 -27.17
C CYS C 57 -0.70 26.05 -27.16
N THR C 58 -1.64 26.89 -27.60
CA THR C 58 -1.36 28.32 -27.74
C THR C 58 -1.06 28.98 -26.40
N SER C 59 -1.62 28.47 -25.31
CA SER C 59 -1.39 29.09 -24.02
C SER C 59 -0.06 28.69 -23.40
N ALA C 60 0.75 27.88 -24.09
CA ALA C 60 2.02 27.48 -23.48
C ALA C 60 3.05 28.59 -23.47
N GLY C 61 2.78 29.75 -24.09
CA GLY C 61 3.72 30.85 -24.09
C GLY C 61 4.92 30.67 -25.02
N PRO C 62 5.94 31.50 -24.80
CA PRO C 62 7.15 31.42 -25.63
C PRO C 62 8.08 30.31 -25.16
N HIS C 63 9.21 30.18 -25.86
CA HIS C 63 10.21 29.20 -25.48
C HIS C 63 10.78 29.55 -24.12
N PHE C 64 10.94 28.54 -23.27
CA PHE C 64 11.53 28.71 -21.95
C PHE C 64 12.90 29.36 -22.08
N ASN C 65 13.04 30.61 -21.60
CA ASN C 65 14.24 31.41 -21.86
C ASN C 65 14.70 32.18 -20.63
N PRO C 66 14.96 31.49 -19.51
CA PRO C 66 15.28 32.21 -18.27
C PRO C 66 16.58 33.02 -18.31
N LEU C 67 17.44 32.83 -19.31
CA LEU C 67 18.67 33.61 -19.39
C LEU C 67 18.60 34.68 -20.46
N SER C 68 17.42 34.90 -21.04
CA SER C 68 17.21 35.87 -22.12
C SER C 68 18.34 35.84 -23.13
N ARG C 69 18.58 34.65 -23.68
CA ARG C 69 19.44 34.52 -24.84
C ARG C 69 18.58 34.45 -26.10
N LYS C 70 19.21 34.43 -27.25
CA LYS C 70 18.46 34.30 -28.49
C LYS C 70 18.19 32.83 -28.78
N HIS C 71 17.21 32.59 -29.64
CA HIS C 71 16.89 31.22 -30.05
C HIS C 71 18.06 30.58 -30.79
N GLY C 72 18.26 29.29 -30.57
CA GLY C 72 19.30 28.57 -31.28
C GLY C 72 19.05 27.08 -31.37
N GLY C 73 20.09 26.34 -31.70
CA GLY C 73 20.05 24.91 -31.71
C GLY C 73 20.59 24.38 -30.40
N PRO C 74 20.16 23.18 -30.00
CA PRO C 74 20.62 22.62 -28.72
C PRO C 74 22.13 22.57 -28.58
N LYS C 75 22.86 22.40 -29.69
CA LYS C 75 24.32 22.34 -29.63
C LYS C 75 24.93 23.68 -29.21
N ASP C 76 24.28 24.78 -29.59
CA ASP C 76 24.84 26.11 -29.39
C ASP C 76 24.88 26.51 -27.90
N GLU C 77 25.80 27.44 -27.59
CA GLU C 77 25.74 28.15 -26.32
C GLU C 77 24.64 29.18 -26.34
N GLU C 78 24.43 29.81 -27.49
CA GLU C 78 23.41 30.84 -27.66
C GLU C 78 22.13 30.12 -28.01
N ARG C 79 21.32 29.84 -26.97
CA ARG C 79 20.06 29.14 -27.13
C ARG C 79 19.20 29.49 -25.93
N HIS C 80 17.89 29.37 -26.10
CA HIS C 80 17.02 29.21 -24.94
C HIS C 80 17.25 27.85 -24.31
N VAL C 81 17.11 27.81 -22.99
CA VAL C 81 17.00 26.54 -22.27
C VAL C 81 16.07 25.59 -22.99
N GLY C 82 14.94 26.09 -23.47
CA GLY C 82 13.96 25.20 -24.05
C GLY C 82 14.24 24.67 -25.44
N ASP C 83 15.37 25.07 -26.06
CA ASP C 83 15.63 24.78 -27.47
C ASP C 83 16.15 23.34 -27.57
N LEU C 84 15.30 22.43 -28.01
CA LEU C 84 15.73 21.06 -28.21
C LEU C 84 15.86 20.69 -29.69
N GLY C 85 15.91 21.69 -30.57
CA GLY C 85 16.22 21.42 -31.98
C GLY C 85 15.08 20.75 -32.73
N ASN C 86 15.42 19.75 -33.54
CA ASN C 86 14.43 19.06 -34.35
C ASN C 86 14.35 17.60 -34.01
N VAL C 87 13.14 17.04 -34.17
CA VAL C 87 12.92 15.60 -34.23
C VAL C 87 12.65 15.22 -35.69
N THR C 88 12.95 13.97 -36.02
CA THR C 88 12.92 13.51 -37.40
C THR C 88 11.92 12.37 -37.56
N ALA C 89 10.84 12.63 -38.31
CA ALA C 89 9.84 11.62 -38.62
C ALA C 89 10.20 10.94 -39.93
N ASP C 90 10.18 9.61 -39.94
CA ASP C 90 10.48 8.85 -41.14
C ASP C 90 9.22 8.77 -42.00
N LYS C 91 9.25 7.87 -42.99
CA LYS C 91 8.13 7.77 -43.93
C LYS C 91 6.84 7.33 -43.25
N ASP C 92 6.94 6.52 -42.19
CA ASP C 92 5.76 6.07 -41.46
C ASP C 92 5.02 7.20 -40.77
N GLY C 93 5.65 8.35 -40.61
CA GLY C 93 5.07 9.39 -39.82
C GLY C 93 5.45 9.38 -38.35
N VAL C 94 6.36 8.49 -37.94
CA VAL C 94 6.80 8.44 -36.55
C VAL C 94 8.23 8.94 -36.45
N ALA C 95 8.49 9.74 -35.41
CA ALA C 95 9.79 10.22 -35.03
C ALA C 95 10.14 9.57 -33.71
N ASP C 96 11.14 8.68 -33.73
CA ASP C 96 11.74 8.19 -32.51
C ASP C 96 12.74 9.24 -32.07
N VAL C 97 12.80 9.48 -30.76
CA VAL C 97 13.62 10.54 -30.22
C VAL C 97 14.49 9.96 -29.12
N SER C 98 15.78 10.25 -29.18
CA SER C 98 16.69 9.88 -28.10
C SER C 98 17.84 10.87 -28.13
N ILE C 99 17.80 11.81 -27.19
CA ILE C 99 18.78 12.86 -27.08
C ILE C 99 19.19 12.96 -25.62
N GLU C 100 20.17 13.81 -25.37
CA GLU C 100 20.65 14.04 -24.01
C GLU C 100 21.08 15.48 -23.96
N ASP C 101 20.46 16.28 -23.09
CA ASP C 101 20.77 17.69 -22.99
C ASP C 101 21.15 18.01 -21.57
N SER C 102 22.24 18.73 -21.38
CA SER C 102 22.64 19.16 -20.05
C SER C 102 22.30 20.62 -19.76
N VAL C 103 21.57 21.28 -20.65
CA VAL C 103 21.15 22.67 -20.43
C VAL C 103 19.79 22.74 -19.72
N ILE C 104 18.83 21.94 -20.19
CA ILE C 104 17.61 21.73 -19.42
C ILE C 104 17.96 21.02 -18.12
N SER C 105 17.02 21.05 -17.18
CA SER C 105 17.18 20.34 -15.91
C SER C 105 15.82 19.90 -15.38
N LEU C 106 15.85 18.88 -14.54
CA LEU C 106 14.67 18.42 -13.85
C LEU C 106 14.59 18.97 -12.43
N SER C 107 15.46 19.93 -12.09
CA SER C 107 15.56 20.54 -10.78
C SER C 107 16.27 21.87 -10.92
N GLY C 108 16.02 22.80 -9.99
CA GLY C 108 16.72 24.08 -9.97
C GLY C 108 16.16 25.15 -10.91
N ASP C 109 17.05 26.09 -11.27
CA ASP C 109 16.64 27.26 -12.04
C ASP C 109 16.25 26.94 -13.47
N HIS C 110 16.90 25.94 -14.09
CA HIS C 110 16.55 25.53 -15.44
C HIS C 110 15.53 24.40 -15.44
N CYS C 111 14.85 24.20 -14.31
CA CYS C 111 13.85 23.14 -14.19
C CYS C 111 12.77 23.33 -15.24
N ILE C 112 12.44 22.26 -15.95
CA ILE C 112 11.36 22.29 -16.94
C ILE C 112 10.12 21.58 -16.44
N ILE C 113 10.15 21.00 -15.24
CA ILE C 113 8.97 20.35 -14.68
C ILE C 113 7.83 21.35 -14.58
N GLY C 114 6.66 20.98 -15.07
CA GLY C 114 5.53 21.86 -15.02
C GLY C 114 5.40 22.79 -16.20
N ARG C 115 6.31 22.72 -17.18
CA ARG C 115 6.23 23.52 -18.39
C ARG C 115 5.70 22.65 -19.53
N THR C 116 5.77 23.13 -20.76
CA THR C 116 5.09 22.39 -21.83
C THR C 116 6.08 21.95 -22.90
N LEU C 117 6.01 20.70 -23.30
CA LEU C 117 6.77 20.19 -24.43
C LEU C 117 5.88 20.31 -25.67
N VAL C 118 6.46 20.85 -26.75
CA VAL C 118 5.74 21.20 -27.97
C VAL C 118 6.51 20.68 -29.20
N VAL C 119 5.80 19.97 -30.08
CA VAL C 119 6.28 19.54 -31.39
C VAL C 119 5.53 20.33 -32.46
N HIS C 120 6.29 20.88 -33.41
CA HIS C 120 5.87 21.88 -34.39
C HIS C 120 5.64 21.29 -35.78
N GLU C 121 5.02 22.09 -36.65
CA GLU C 121 4.66 21.57 -37.96
C GLU C 121 5.87 21.59 -38.90
N LYS C 122 6.70 22.61 -38.80
CA LYS C 122 7.87 22.77 -39.66
C LYS C 122 9.13 22.42 -38.88
N ALA C 123 10.24 22.47 -39.60
CA ALA C 123 11.55 22.35 -38.99
C ALA C 123 11.95 23.66 -38.33
N ASP C 124 12.63 23.54 -37.19
CA ASP C 124 13.32 24.64 -36.55
C ASP C 124 14.59 24.97 -37.34
N ASP C 125 14.83 26.26 -37.61
CA ASP C 125 16.02 26.64 -38.36
C ASP C 125 17.19 26.92 -37.44
N LEU C 126 17.03 26.62 -36.15
CA LEU C 126 18.09 26.73 -35.15
C LEU C 126 18.71 28.13 -35.12
N GLY C 127 17.93 29.15 -35.47
CA GLY C 127 18.42 30.51 -35.43
C GLY C 127 19.33 30.89 -36.57
N LYS C 128 19.61 29.97 -37.49
CA LYS C 128 20.50 30.23 -38.62
C LYS C 128 19.77 30.83 -39.80
N GLY C 129 18.46 31.06 -39.68
CA GLY C 129 17.77 31.89 -40.65
C GLY C 129 18.23 33.33 -40.56
N GLY C 130 18.12 34.05 -41.67
CA GLY C 130 18.57 35.42 -41.68
C GLY C 130 17.44 36.40 -41.49
N ASN C 131 16.66 36.21 -40.44
CA ASN C 131 15.57 37.10 -40.08
C ASN C 131 15.45 37.14 -38.57
N GLU C 132 14.80 38.19 -38.06
CA GLU C 132 14.67 38.34 -36.63
C GLU C 132 13.84 37.22 -36.01
N GLU C 133 12.73 36.85 -36.68
CA GLU C 133 11.92 35.70 -36.25
C GLU C 133 12.75 34.44 -36.04
N SER C 134 13.83 34.26 -36.80
CA SER C 134 14.65 33.07 -36.66
C SER C 134 15.32 33.02 -35.30
N THR C 135 15.73 34.17 -34.77
CA THR C 135 16.35 34.19 -33.45
C THR C 135 15.33 34.29 -32.32
N LYS C 136 14.02 34.24 -32.61
CA LYS C 136 13.01 34.13 -31.56
C LYS C 136 12.42 32.73 -31.46
N THR C 137 11.89 32.19 -32.56
CA THR C 137 11.18 30.92 -32.55
C THR C 137 11.79 29.84 -33.44
N GLY C 138 12.73 30.18 -34.32
CA GLY C 138 13.26 29.26 -35.31
C GLY C 138 12.36 29.01 -36.50
N ASN C 139 11.31 29.82 -36.68
CA ASN C 139 10.40 29.70 -37.82
C ASN C 139 9.80 28.31 -37.95
N ALA C 140 9.56 27.61 -36.84
CA ALA C 140 9.08 26.25 -36.89
C ALA C 140 7.55 26.14 -37.00
N GLY C 141 6.86 27.23 -37.31
CA GLY C 141 5.45 27.12 -37.61
C GLY C 141 4.58 26.77 -36.40
N SER C 142 3.41 26.20 -36.70
CA SER C 142 2.37 26.04 -35.69
C SER C 142 2.74 24.92 -34.73
N ARG C 143 1.95 24.80 -33.66
CA ARG C 143 2.15 23.82 -32.60
C ARG C 143 1.15 22.70 -32.84
N LEU C 144 1.64 21.56 -33.31
CA LEU C 144 0.75 20.44 -33.55
C LEU C 144 0.47 19.63 -32.30
N ALA C 145 1.44 19.52 -31.39
CA ALA C 145 1.06 18.80 -30.18
C ALA C 145 1.91 19.24 -29.02
N CYS C 146 1.35 19.10 -27.82
CA CYS C 146 2.03 19.54 -26.61
C CYS C 146 1.55 18.70 -25.44
N GLY C 147 2.29 18.83 -24.35
CA GLY C 147 1.90 18.24 -23.09
C GLY C 147 2.61 18.96 -21.98
N VAL C 148 2.13 18.77 -20.78
CA VAL C 148 2.77 19.31 -19.59
C VAL C 148 3.75 18.27 -19.09
N ILE C 149 4.93 18.71 -18.69
CA ILE C 149 5.93 17.79 -18.16
C ILE C 149 5.64 17.53 -16.68
N GLY C 150 5.44 16.26 -16.34
CA GLY C 150 5.07 15.89 -14.98
C GLY C 150 6.11 14.97 -14.36
N ILE C 151 6.22 15.05 -13.04
CA ILE C 151 7.13 14.18 -12.31
C ILE C 151 6.68 12.74 -12.46
N ALA C 152 7.62 11.84 -12.77
CA ALA C 152 7.33 10.43 -12.86
C ALA C 152 8.07 9.66 -11.75
N GLN C 153 7.65 8.42 -11.58
CA GLN C 153 8.21 7.48 -10.60
C GLN C 153 9.41 6.71 -11.16
N LEU D 4 39.08 23.25 -21.78
CA LEU D 4 39.48 21.95 -22.29
C LEU D 4 41.00 21.85 -22.35
N GLN D 5 41.60 21.43 -21.23
CA GLN D 5 43.05 21.44 -21.06
C GLN D 5 43.63 20.05 -21.22
N GLU D 6 44.66 19.94 -22.06
CA GLU D 6 45.22 18.65 -22.46
C GLU D 6 46.60 18.46 -21.86
N SER D 7 46.93 17.20 -21.54
CA SER D 7 48.24 16.80 -21.04
C SER D 7 48.66 15.49 -21.69
N GLY D 8 49.96 15.31 -21.84
CA GLY D 8 50.52 14.12 -22.46
C GLY D 8 50.83 14.34 -23.93
N GLY D 9 51.46 13.34 -24.53
CA GLY D 9 51.82 13.41 -25.94
C GLY D 9 53.32 13.48 -26.14
N GLY D 10 53.71 13.79 -27.38
CA GLY D 10 55.12 13.86 -27.75
C GLY D 10 55.58 12.81 -28.74
N LEU D 11 56.87 12.44 -28.68
CA LEU D 11 57.48 11.48 -29.58
C LEU D 11 57.58 10.10 -28.95
N VAL D 12 57.28 9.06 -29.75
CA VAL D 12 57.45 7.67 -29.35
C VAL D 12 57.75 6.86 -30.60
N GLN D 13 58.31 5.68 -30.42
CA GLN D 13 58.56 4.81 -31.56
C GLN D 13 57.41 3.82 -31.73
N ALA D 14 57.27 3.32 -32.94
CA ALA D 14 56.29 2.30 -33.24
C ALA D 14 56.37 1.16 -32.25
N GLY D 15 55.21 0.74 -31.73
CA GLY D 15 55.10 -0.29 -30.74
C GLY D 15 54.95 0.22 -29.32
N GLY D 16 55.22 1.50 -29.10
CA GLY D 16 55.13 2.10 -27.79
C GLY D 16 53.72 2.53 -27.44
N SER D 17 53.63 3.38 -26.42
CA SER D 17 52.35 3.78 -25.89
C SER D 17 52.46 5.20 -25.33
N LEU D 18 51.31 5.79 -25.07
CA LEU D 18 51.23 7.16 -24.59
C LEU D 18 49.88 7.32 -23.88
N ARG D 19 49.77 8.35 -23.06
CA ARG D 19 48.51 8.64 -22.35
C ARG D 19 48.19 10.11 -22.48
N LEU D 20 47.06 10.43 -23.11
CA LEU D 20 46.54 11.78 -23.08
C LEU D 20 45.48 11.93 -22.00
N SER D 21 45.38 13.14 -21.45
CA SER D 21 44.33 13.44 -20.49
C SER D 21 43.80 14.83 -20.78
N CYS D 22 42.53 15.04 -20.46
CA CYS D 22 41.84 16.28 -20.76
C CYS D 22 40.94 16.61 -19.58
N ALA D 23 41.17 17.76 -18.96
CA ALA D 23 40.31 18.26 -17.89
C ALA D 23 39.40 19.33 -18.44
N ALA D 24 38.11 19.23 -18.12
CA ALA D 24 37.12 20.22 -18.56
C ALA D 24 37.28 21.50 -17.75
N SER D 25 37.56 22.61 -18.44
CA SER D 25 37.98 23.87 -17.82
C SER D 25 36.77 24.79 -17.69
N GLY D 26 36.05 24.68 -16.57
CA GLY D 26 34.92 25.55 -16.25
C GLY D 26 33.96 25.85 -17.39
N LEU D 27 33.29 24.84 -17.88
CA LEU D 27 32.37 25.07 -18.97
C LEU D 27 31.01 25.50 -18.42
N PRO D 28 30.23 26.24 -19.20
CA PRO D 28 28.90 26.67 -18.71
C PRO D 28 28.08 25.52 -18.18
N TYR D 29 27.98 24.45 -18.95
CA TYR D 29 27.11 23.32 -18.63
C TYR D 29 27.95 22.05 -18.54
N ARG D 30 27.34 21.03 -17.96
CA ARG D 30 28.05 19.77 -17.83
C ARG D 30 28.07 19.04 -19.17
N THR D 31 29.00 18.11 -19.26
CA THR D 31 29.30 17.42 -20.49
C THR D 31 28.33 16.27 -20.77
N VAL D 32 27.92 16.15 -22.04
CA VAL D 32 27.20 14.96 -22.48
C VAL D 32 28.24 13.95 -22.94
N PHE D 33 28.93 14.28 -24.03
CA PHE D 33 30.07 13.49 -24.47
C PHE D 33 31.34 14.32 -24.37
N MET D 34 32.45 13.64 -24.04
CA MET D 34 33.79 14.19 -24.09
C MET D 34 34.73 13.19 -24.75
N GLY D 35 35.77 13.65 -25.42
CA GLY D 35 36.65 12.70 -26.08
C GLY D 35 37.71 13.33 -26.98
N TRP D 36 38.24 12.52 -27.89
CA TRP D 36 39.46 12.83 -28.64
C TRP D 36 39.26 12.63 -30.13
N PHE D 37 39.60 13.67 -30.88
CA PHE D 37 39.74 13.69 -32.33
C PHE D 37 41.21 13.79 -32.70
N ARG D 38 41.53 13.60 -33.98
CA ARG D 38 42.92 13.76 -34.41
C ARG D 38 42.97 14.16 -35.87
N GLN D 39 44.00 14.94 -36.20
CA GLN D 39 44.26 15.38 -37.57
C GLN D 39 45.67 14.95 -37.96
N GLY D 40 45.75 14.01 -38.88
CA GLY D 40 47.02 13.57 -39.38
C GLY D 40 47.60 14.56 -40.38
N PRO D 41 48.83 14.30 -40.81
CA PRO D 41 49.49 15.23 -41.73
C PRO D 41 48.74 15.27 -43.05
N GLY D 42 48.19 16.45 -43.35
CA GLY D 42 47.45 16.68 -44.59
C GLY D 42 46.09 16.04 -44.69
N LYS D 43 45.55 15.50 -43.60
CA LYS D 43 44.26 14.81 -43.65
C LYS D 43 43.20 15.61 -42.89
N GLU D 44 41.96 15.15 -43.00
CA GLU D 44 40.86 15.78 -42.30
C GLU D 44 40.82 15.32 -40.85
N ARG D 45 40.27 16.16 -39.98
CA ARG D 45 40.10 15.81 -38.57
C ARG D 45 39.09 14.68 -38.43
N GLU D 46 39.43 13.66 -37.64
CA GLU D 46 38.56 12.50 -37.45
C GLU D 46 38.43 12.17 -35.96
N GLY D 47 37.32 11.52 -35.60
CA GLY D 47 37.11 11.13 -34.21
C GLY D 47 37.82 9.84 -33.84
N VAL D 48 38.43 9.84 -32.66
CA VAL D 48 39.16 8.68 -32.16
C VAL D 48 38.34 7.93 -31.14
N ALA D 49 37.91 8.63 -30.10
CA ALA D 49 37.24 7.92 -29.01
C ALA D 49 36.52 8.93 -28.15
N VAL D 50 35.25 8.67 -27.83
CA VAL D 50 34.47 9.53 -26.94
C VAL D 50 33.80 8.69 -25.88
N ILE D 51 33.56 9.32 -24.72
CA ILE D 51 32.93 8.69 -23.56
C ILE D 51 31.80 9.60 -23.07
N ASN D 52 30.66 8.97 -22.78
CA ASN D 52 29.50 9.67 -22.25
C ASN D 52 29.77 10.16 -20.83
N ALA D 53 28.93 11.08 -20.34
CA ALA D 53 29.03 11.53 -18.96
C ALA D 53 28.88 10.38 -17.94
N ASP D 54 28.29 9.24 -18.31
CA ASP D 54 28.17 8.17 -17.34
C ASP D 54 29.51 7.49 -17.05
N GLY D 55 30.50 7.70 -17.93
CA GLY D 55 31.81 7.09 -17.74
C GLY D 55 31.90 5.62 -18.10
N VAL D 56 31.00 5.11 -18.94
CA VAL D 56 30.93 3.68 -19.23
C VAL D 56 30.51 3.46 -20.68
N SER D 57 29.82 4.42 -21.27
CA SER D 57 29.40 4.30 -22.66
C SER D 57 30.42 4.98 -23.57
N THR D 58 31.04 4.21 -24.44
CA THR D 58 32.18 4.68 -25.22
C THR D 58 31.98 4.36 -26.69
N TYR D 59 32.66 5.13 -27.53
CA TYR D 59 32.67 4.92 -28.97
C TYR D 59 34.09 5.11 -29.48
N TYR D 60 34.51 4.20 -30.38
CA TYR D 60 35.88 4.15 -30.88
C TYR D 60 35.85 4.08 -32.39
N ALA D 61 36.77 4.82 -33.02
CA ALA D 61 36.98 4.60 -34.45
C ALA D 61 37.51 3.20 -34.67
N ASP D 62 37.08 2.58 -35.76
CA ASP D 62 37.58 1.25 -36.10
C ASP D 62 39.11 1.18 -36.09
N SER D 63 39.78 2.26 -36.55
CA SER D 63 41.24 2.25 -36.66
C SER D 63 41.96 2.11 -35.33
N VAL D 64 41.33 2.44 -34.20
CA VAL D 64 42.03 2.44 -32.92
C VAL D 64 41.49 1.44 -31.93
N LYS D 65 40.43 0.72 -32.24
CA LYS D 65 39.81 -0.11 -31.21
C LYS D 65 40.63 -1.36 -30.94
N GLY D 66 40.68 -1.73 -29.67
CA GLY D 66 41.58 -2.74 -29.19
C GLY D 66 42.92 -2.21 -28.76
N ARG D 67 43.30 -1.03 -29.25
CA ARG D 67 44.58 -0.43 -28.92
C ARG D 67 44.45 0.77 -28.01
N PHE D 68 43.44 1.60 -28.23
CA PHE D 68 43.18 2.77 -27.41
C PHE D 68 42.02 2.44 -26.47
N THR D 69 42.11 2.94 -25.25
CA THR D 69 41.01 2.91 -24.29
C THR D 69 40.76 4.32 -23.76
N ILE D 70 39.49 4.73 -23.76
CA ILE D 70 39.08 6.00 -23.17
C ILE D 70 38.47 5.71 -21.82
N SER D 71 38.78 6.55 -20.85
CA SER D 71 38.25 6.40 -19.49
C SER D 71 38.07 7.78 -18.88
N GLN D 72 37.48 7.84 -17.71
CA GLN D 72 37.05 9.11 -17.15
C GLN D 72 37.13 9.06 -15.64
N ASP D 73 37.71 10.11 -15.04
CA ASP D 73 37.89 10.13 -13.59
C ASP D 73 36.65 10.63 -12.86
N ASN D 74 35.95 11.61 -13.44
CA ASN D 74 34.68 12.09 -12.91
C ASN D 74 34.89 12.95 -11.66
N ALA D 75 35.73 12.47 -10.74
CA ALA D 75 36.11 13.23 -9.57
C ALA D 75 36.91 14.47 -9.95
N LYS D 76 37.16 14.63 -11.27
CA LYS D 76 37.84 15.80 -11.81
C LYS D 76 37.21 16.15 -13.14
N THR D 78 37.34 15.19 -16.24
CA THR D 78 38.63 14.66 -16.70
C THR D 78 38.54 13.28 -17.37
N VAL D 79 39.21 13.16 -18.52
CA VAL D 79 39.13 12.01 -19.41
C VAL D 79 40.53 11.62 -19.87
N TYR D 80 40.77 10.32 -19.99
CA TYR D 80 42.06 9.78 -20.38
C TYR D 80 41.93 8.95 -21.65
N LEU D 81 42.91 9.07 -22.52
CA LEU D 81 43.08 8.25 -23.71
C LEU D 81 44.38 7.48 -23.54
N GLN D 82 44.26 6.21 -23.15
CA GLN D 82 45.39 5.30 -23.10
C GLN D 82 45.61 4.71 -24.49
N MET D 83 46.78 4.98 -25.08
CA MET D 83 47.08 4.66 -26.48
C MET D 83 48.19 3.63 -26.50
N ASN D 84 47.87 2.37 -26.82
CA ASN D 84 48.87 1.31 -26.90
C ASN D 84 49.08 0.85 -28.34
N SER D 85 50.18 0.13 -28.56
CA SER D 85 50.53 -0.40 -29.90
C SER D 85 50.49 0.70 -30.95
N LEU D 86 51.20 1.79 -30.70
CA LEU D 86 51.13 2.95 -31.58
C LEU D 86 51.85 2.68 -32.90
N LYS D 87 51.14 2.91 -34.02
CA LYS D 87 51.71 2.83 -35.37
C LYS D 87 52.09 4.22 -35.86
N PRO D 88 52.93 4.33 -36.90
CA PRO D 88 53.20 5.65 -37.48
C PRO D 88 51.94 6.31 -38.06
N GLU D 89 50.92 5.54 -38.43
CA GLU D 89 49.65 6.10 -38.87
C GLU D 89 48.88 6.81 -37.77
N ASP D 90 49.23 6.57 -36.51
CA ASP D 90 48.64 7.30 -35.38
C ASP D 90 49.28 8.67 -35.18
N THR D 91 50.23 9.06 -36.04
CA THR D 91 50.88 10.36 -35.95
C THR D 91 49.87 11.45 -36.31
N ALA D 92 49.61 12.35 -35.38
CA ALA D 92 48.59 13.37 -35.61
C ALA D 92 48.68 14.42 -34.50
N ILE D 93 47.98 15.52 -34.70
CA ILE D 93 47.62 16.41 -33.60
C ILE D 93 46.27 15.96 -33.05
N TYR D 94 46.23 15.72 -31.74
CA TYR D 94 45.03 15.22 -31.07
C TYR D 94 44.34 16.35 -30.33
N HIS D 95 43.04 16.49 -30.57
CA HIS D 95 42.22 17.56 -30.01
C HIS D 95 41.21 16.94 -29.05
N CYS D 96 41.22 17.38 -27.80
CA CYS D 96 40.11 17.08 -26.92
C CYS D 96 38.89 17.88 -27.38
N ALA D 97 37.71 17.26 -27.26
CA ALA D 97 36.45 17.85 -27.70
C ALA D 97 35.35 17.45 -26.72
N ALA D 98 34.29 18.26 -26.70
CA ALA D 98 33.16 17.96 -25.82
C ALA D 98 31.92 18.71 -26.33
N ASN D 99 30.76 18.25 -25.86
CA ASN D 99 29.50 18.94 -26.14
C ASN D 99 28.64 18.93 -24.88
N HIS D 100 27.62 19.79 -24.87
CA HIS D 100 26.63 19.82 -23.82
C HIS D 100 25.28 19.28 -24.31
N PHE D 101 25.23 18.79 -25.54
CA PHE D 101 24.02 18.16 -26.08
C PHE D 101 24.45 17.09 -27.08
N PHE D 102 23.74 15.97 -27.10
CA PHE D 102 23.97 15.00 -28.17
C PHE D 102 22.68 14.31 -28.57
N ASP D 103 22.49 14.18 -29.88
CA ASP D 103 21.36 13.47 -30.47
C ASP D 103 21.87 12.10 -30.95
N TYR D 104 21.36 11.04 -30.34
CA TYR D 104 21.88 9.70 -30.55
C TYR D 104 21.50 9.12 -31.91
N SER D 105 20.73 9.84 -32.71
CA SER D 105 20.60 9.47 -34.10
C SER D 105 21.79 9.95 -34.93
N ARG D 106 22.72 10.70 -34.34
CA ARG D 106 23.86 11.23 -35.07
C ARG D 106 25.10 10.39 -34.77
N ASP D 107 26.17 10.71 -35.49
CA ASP D 107 27.45 9.99 -35.38
C ASP D 107 28.24 10.55 -34.22
N PRO D 108 28.54 9.78 -33.18
CA PRO D 108 29.21 10.37 -32.01
C PRO D 108 30.67 10.65 -32.22
N LEU D 109 31.22 10.26 -33.37
CA LEU D 109 32.62 10.52 -33.69
C LEU D 109 32.80 11.52 -34.82
N ALA D 110 31.75 12.26 -35.18
CA ALA D 110 31.82 13.29 -36.21
C ALA D 110 32.08 14.64 -35.57
N THR D 111 32.98 15.42 -36.20
CA THR D 111 33.38 16.73 -35.65
C THR D 111 32.19 17.67 -35.48
N ALA D 112 31.15 17.52 -36.30
CA ALA D 112 30.02 18.45 -36.25
C ALA D 112 29.19 18.32 -34.98
N GLU D 113 29.32 17.23 -34.24
CA GLU D 113 28.55 17.05 -33.02
C GLU D 113 29.29 17.55 -31.80
N TYR D 114 30.40 18.28 -31.99
CA TYR D 114 31.17 18.79 -30.89
C TYR D 114 31.49 20.25 -31.17
N ASN D 115 31.37 21.11 -30.14
CA ASN D 115 31.67 22.52 -30.34
C ASN D 115 32.54 23.11 -29.25
N TYR D 116 32.94 22.33 -28.24
CA TYR D 116 34.01 22.72 -27.32
C TYR D 116 35.30 22.00 -27.74
N TRP D 117 36.32 22.76 -28.09
CA TRP D 117 37.57 22.16 -28.56
C TRP D 117 38.77 22.71 -27.81
N GLY D 118 39.71 21.82 -27.49
CA GLY D 118 40.95 22.20 -26.84
C GLY D 118 42.00 22.64 -27.83
N GLN D 119 43.24 22.73 -27.33
CA GLN D 119 44.34 23.32 -28.11
C GLN D 119 44.89 22.35 -29.14
N GLY D 120 45.10 21.11 -28.75
CA GLY D 120 45.82 20.13 -29.54
C GLY D 120 47.11 19.75 -28.84
N THR D 121 47.44 18.47 -28.89
CA THR D 121 48.73 17.95 -28.43
C THR D 121 49.22 17.02 -29.54
N GLN D 122 50.49 17.16 -29.92
CA GLN D 122 51.00 16.39 -31.04
C GLN D 122 51.51 15.03 -30.55
N VAL D 123 51.13 13.98 -31.24
CA VAL D 123 51.70 12.64 -31.08
C VAL D 123 52.42 12.30 -32.37
N THR D 124 53.72 12.00 -32.27
CA THR D 124 54.49 11.49 -33.41
C THR D 124 55.02 10.10 -33.08
N VAL D 125 54.78 9.16 -33.99
CA VAL D 125 55.26 7.78 -33.87
C VAL D 125 56.23 7.53 -35.01
N SER D 126 57.50 7.31 -34.68
CA SER D 126 58.52 7.10 -35.69
C SER D 126 58.67 5.62 -36.02
N SER D 127 59.42 5.34 -37.09
CA SER D 127 59.59 4.03 -37.79
C SER D 127 58.54 3.91 -38.89
N ALA E 1 5.57 35.43 -6.06
CA ALA E 1 4.18 35.24 -6.50
C ALA E 1 4.08 34.38 -7.76
N THR E 2 3.64 33.13 -7.62
CA THR E 2 3.51 32.23 -8.75
C THR E 2 2.06 31.75 -8.91
N LYS E 3 1.69 31.46 -10.16
CA LYS E 3 0.39 30.91 -10.53
C LYS E 3 0.58 29.56 -11.21
N ALA E 4 -0.38 28.66 -10.98
CA ALA E 4 -0.41 27.39 -11.68
C ALA E 4 -1.81 27.18 -12.25
N VAL E 5 -1.94 26.12 -13.04
CA VAL E 5 -3.22 25.83 -13.71
C VAL E 5 -3.26 24.34 -13.99
N CYS E 6 -4.49 23.82 -14.14
CA CYS E 6 -4.68 22.39 -14.38
C CYS E 6 -5.97 22.18 -15.16
N VAL E 7 -5.89 21.31 -16.17
CA VAL E 7 -7.03 20.92 -17.00
C VAL E 7 -7.34 19.48 -16.69
N LEU E 8 -8.57 19.21 -16.27
CA LEU E 8 -8.98 17.87 -15.88
C LEU E 8 -9.85 17.27 -16.97
N LYS E 9 -9.48 16.07 -17.40
CA LYS E 9 -10.28 15.25 -18.30
C LYS E 9 -10.08 13.79 -17.92
N GLY E 10 -10.98 12.95 -18.45
CA GLY E 10 -10.90 11.53 -18.24
C GLY E 10 -11.53 10.73 -19.38
N ASP E 11 -11.83 9.46 -19.11
CA ASP E 11 -12.53 8.65 -20.09
C ASP E 11 -14.02 8.97 -20.15
N GLY E 12 -14.52 9.82 -19.26
CA GLY E 12 -15.92 10.17 -19.26
C GLY E 12 -16.15 11.66 -19.43
N PRO E 13 -17.38 12.10 -19.14
CA PRO E 13 -17.73 13.51 -19.34
C PRO E 13 -17.29 14.45 -18.22
N VAL E 14 -16.64 13.96 -17.16
CA VAL E 14 -16.16 14.86 -16.12
C VAL E 14 -14.96 15.63 -16.65
N GLN E 15 -15.02 16.96 -16.59
CA GLN E 15 -13.93 17.76 -17.12
C GLN E 15 -14.00 19.16 -16.51
N GLY E 16 -12.85 19.83 -16.45
CA GLY E 16 -12.88 21.20 -15.93
C GLY E 16 -11.50 21.80 -15.80
N ILE E 17 -11.46 23.00 -15.22
CA ILE E 17 -10.23 23.77 -15.09
C ILE E 17 -10.10 24.30 -13.66
N ILE E 18 -8.92 24.12 -13.05
CA ILE E 18 -8.62 24.60 -11.71
C ILE E 18 -7.38 25.48 -11.81
N ASN E 19 -7.45 26.68 -11.21
CA ASN E 19 -6.31 27.58 -11.15
C ASN E 19 -5.76 27.64 -9.73
N PHE E 20 -4.46 27.99 -9.62
CA PHE E 20 -3.76 28.11 -8.36
C PHE E 20 -3.01 29.43 -8.34
N GLU E 21 -2.89 30.00 -7.15
CA GLU E 21 -2.16 31.26 -7.00
C GLU E 21 -1.60 31.36 -5.59
N GLN E 22 -0.34 31.77 -5.50
CA GLN E 22 0.36 31.87 -4.22
C GLN E 22 1.25 33.11 -4.31
N LYS E 23 0.74 34.22 -3.78
CA LYS E 23 1.44 35.49 -3.93
C LYS E 23 2.61 35.61 -2.97
N GLU E 24 2.87 34.59 -2.16
CA GLU E 24 3.97 34.66 -1.21
C GLU E 24 4.53 33.26 -1.00
N SER E 25 5.85 33.16 -0.98
CA SER E 25 6.54 31.92 -0.63
C SER E 25 6.02 31.40 0.69
N ASN E 26 5.60 30.13 0.70
CA ASN E 26 5.09 29.45 1.90
C ASN E 26 3.82 30.10 2.47
N GLY E 27 3.22 31.06 1.74
CA GLY E 27 1.89 31.52 2.04
C GLY E 27 0.84 30.60 1.45
N PRO E 28 -0.42 30.90 1.75
CA PRO E 28 -1.50 30.02 1.29
C PRO E 28 -1.70 30.10 -0.22
N VAL E 29 -2.27 29.03 -0.74
CA VAL E 29 -2.54 28.87 -2.17
C VAL E 29 -4.04 28.93 -2.38
N LYS E 30 -4.47 29.94 -3.13
CA LYS E 30 -5.82 30.03 -3.67
C LYS E 30 -6.01 29.00 -4.78
N VAL E 31 -7.09 28.23 -4.69
CA VAL E 31 -7.38 27.13 -5.61
C VAL E 31 -8.83 27.31 -6.05
N TRP E 32 -9.05 27.78 -7.27
CA TRP E 32 -10.40 28.13 -7.68
C TRP E 32 -10.66 27.73 -9.12
N GLY E 33 -11.92 27.45 -9.44
CA GLY E 33 -12.25 27.04 -10.81
C GLY E 33 -13.56 26.28 -10.85
N SER E 34 -13.70 25.42 -11.86
CA SER E 34 -14.97 24.75 -12.07
C SER E 34 -14.77 23.40 -12.75
N ILE E 35 -15.59 22.43 -12.33
CA ILE E 35 -15.56 21.08 -12.86
C ILE E 35 -16.99 20.70 -13.25
N LYS E 36 -17.23 20.54 -14.54
CA LYS E 36 -18.53 20.15 -15.06
C LYS E 36 -18.59 18.64 -15.27
N GLY E 37 -19.83 18.13 -15.31
CA GLY E 37 -20.09 16.77 -15.73
C GLY E 37 -20.12 15.73 -14.63
N LEU E 38 -20.32 16.13 -13.37
CA LEU E 38 -20.26 15.23 -12.24
C LEU E 38 -21.66 14.87 -11.79
N THR E 39 -21.77 13.82 -10.98
CA THR E 39 -23.06 13.63 -10.34
C THR E 39 -23.21 14.64 -9.21
N GLU E 40 -24.41 14.71 -8.66
CA GLU E 40 -24.70 15.70 -7.63
C GLU E 40 -24.18 15.23 -6.26
N GLY E 41 -23.58 16.14 -5.52
CA GLY E 41 -22.99 15.75 -4.25
C GLY E 41 -21.50 15.98 -4.12
N LEU E 42 -20.88 15.21 -3.24
CA LEU E 42 -19.49 15.37 -2.83
C LEU E 42 -18.58 14.44 -3.62
N HIS E 43 -17.45 14.99 -4.08
CA HIS E 43 -16.47 14.21 -4.83
C HIS E 43 -15.07 14.54 -4.33
N GLY E 44 -14.35 13.50 -3.88
CA GLY E 44 -12.97 13.62 -3.48
C GLY E 44 -12.11 14.44 -4.42
N PHE E 45 -11.16 15.19 -3.84
CA PHE E 45 -10.38 16.20 -4.57
C PHE E 45 -8.95 16.09 -4.02
N HIS E 46 -8.03 15.54 -4.81
CA HIS E 46 -6.69 15.34 -4.26
C HIS E 46 -5.61 15.74 -5.26
N VAL E 47 -4.43 15.98 -4.69
CA VAL E 47 -3.21 16.04 -5.46
C VAL E 47 -2.50 14.72 -5.28
N HIS E 48 -2.34 13.98 -6.37
CA HIS E 48 -1.59 12.75 -6.39
C HIS E 48 -0.17 13.03 -6.81
N GLU E 49 0.70 12.05 -6.52
CA GLU E 49 2.13 12.28 -6.45
C GLU E 49 2.76 12.56 -7.83
N PHE E 50 2.30 11.88 -8.89
CA PHE E 50 2.99 11.91 -10.18
C PHE E 50 2.15 12.59 -11.24
N GLY E 51 2.81 13.44 -12.04
CA GLY E 51 2.19 14.08 -13.18
C GLY E 51 2.26 13.19 -14.41
N ASP E 52 2.08 11.89 -14.20
CA ASP E 52 2.23 10.88 -15.23
C ASP E 52 0.83 10.53 -15.75
N ASN E 53 0.54 10.96 -16.98
CA ASN E 53 -0.75 10.68 -17.60
C ASN E 53 -0.68 9.55 -18.62
N THR E 54 0.41 8.77 -18.66
CA THR E 54 0.54 7.74 -19.69
C THR E 54 -0.53 6.66 -19.55
N ALA E 55 -1.09 6.46 -18.36
CA ALA E 55 -2.13 5.45 -18.17
C ALA E 55 -3.42 6.09 -17.70
N GLY E 56 -3.77 7.24 -18.27
CA GLY E 56 -4.89 7.95 -17.69
C GLY E 56 -4.61 8.30 -16.24
N CYS E 57 -5.68 8.36 -15.44
CA CYS E 57 -5.50 8.80 -14.06
C CYS E 57 -4.82 7.75 -13.20
N THR E 58 -4.82 6.49 -13.62
CA THR E 58 -4.30 5.48 -12.71
C THR E 58 -2.77 5.51 -12.60
N SER E 59 -2.08 6.11 -13.58
CA SER E 59 -0.64 6.27 -13.42
C SER E 59 -0.27 7.44 -12.50
N ALA E 60 -1.26 8.21 -12.05
CA ALA E 60 -1.00 9.39 -11.23
C ALA E 60 -0.43 9.06 -9.86
N GLY E 61 -0.48 7.79 -9.45
CA GLY E 61 0.10 7.39 -8.19
C GLY E 61 -0.86 7.61 -7.03
N PRO E 62 -0.34 7.51 -5.79
CA PRO E 62 -1.19 7.70 -4.60
C PRO E 62 -1.30 9.16 -4.22
N HIS E 63 -1.89 9.45 -3.06
CA HIS E 63 -1.98 10.83 -2.61
C HIS E 63 -0.59 11.38 -2.32
N PHE E 64 -0.33 12.60 -2.79
CA PHE E 64 0.93 13.28 -2.50
C PHE E 64 1.12 13.37 -0.99
N ASN E 65 2.11 12.64 -0.48
CA ASN E 65 2.26 12.45 0.96
C ASN E 65 3.73 12.55 1.36
N PRO E 66 4.35 13.72 1.20
CA PRO E 66 5.76 13.84 1.59
C PRO E 66 6.02 13.61 3.08
N LEU E 67 5.12 14.03 3.94
CA LEU E 67 5.42 13.96 5.37
C LEU E 67 5.09 12.60 5.97
N SER E 68 4.75 11.60 5.14
CA SER E 68 4.39 10.26 5.61
C SER E 68 3.24 10.30 6.63
N ARG E 69 2.30 11.22 6.43
CA ARG E 69 1.13 11.33 7.27
C ARG E 69 0.03 10.37 6.79
N LYS E 70 -1.06 10.28 7.56
CA LYS E 70 -2.23 9.50 7.19
C LYS E 70 -3.28 10.42 6.55
N HIS E 71 -4.15 9.83 5.74
CA HIS E 71 -5.17 10.62 5.04
C HIS E 71 -6.13 11.26 6.04
N GLY E 72 -6.66 12.42 5.66
CA GLY E 72 -7.54 13.21 6.51
C GLY E 72 -8.19 14.27 5.67
N GLY E 73 -9.07 15.05 6.32
CA GLY E 73 -9.68 16.21 5.70
C GLY E 73 -8.66 17.32 5.59
N PRO E 74 -8.92 18.31 4.72
CA PRO E 74 -7.95 19.41 4.58
C PRO E 74 -7.88 20.30 5.81
N LYS E 75 -8.95 20.38 6.60
CA LYS E 75 -8.86 21.15 7.85
C LYS E 75 -7.99 20.43 8.87
N ASP E 76 -7.83 19.11 8.78
CA ASP E 76 -7.09 18.38 9.78
C ASP E 76 -5.59 18.59 9.65
N GLU E 77 -4.90 18.48 10.79
CA GLU E 77 -3.44 18.47 10.76
C GLU E 77 -2.90 17.15 10.26
N GLU E 78 -3.58 16.06 10.60
CA GLU E 78 -3.20 14.73 10.11
C GLU E 78 -3.91 14.49 8.78
N ARG E 79 -3.30 15.01 7.72
CA ARG E 79 -3.71 14.83 6.33
C ARG E 79 -2.48 14.53 5.50
N HIS E 80 -2.71 14.09 4.26
CA HIS E 80 -1.66 14.13 3.25
C HIS E 80 -1.63 15.52 2.63
N VAL E 81 -0.42 15.97 2.25
CA VAL E 81 -0.31 17.30 1.66
C VAL E 81 -1.28 17.43 0.49
N GLY E 82 -1.54 16.34 -0.22
CA GLY E 82 -2.46 16.44 -1.34
C GLY E 82 -3.94 16.46 -1.00
N ASP E 83 -4.32 16.26 0.27
CA ASP E 83 -5.72 16.06 0.64
C ASP E 83 -6.49 17.38 0.60
N LEU E 84 -7.24 17.61 -0.48
CA LEU E 84 -8.03 18.81 -0.62
C LEU E 84 -9.53 18.60 -0.32
N GLY E 85 -9.90 17.47 0.29
CA GLY E 85 -11.29 17.31 0.75
C GLY E 85 -12.23 16.91 -0.38
N ASN E 86 -13.31 17.68 -0.55
CA ASN E 86 -14.30 17.35 -1.56
C ASN E 86 -14.69 18.61 -2.30
N VAL E 87 -15.14 18.43 -3.53
CA VAL E 87 -15.85 19.46 -4.24
C VAL E 87 -17.32 19.08 -4.25
N THR E 88 -18.19 20.04 -4.57
CA THR E 88 -19.63 19.85 -4.48
C THR E 88 -20.27 20.21 -5.81
N ALA E 89 -20.84 19.23 -6.48
CA ALA E 89 -21.54 19.45 -7.75
C ALA E 89 -23.02 19.61 -7.47
N ASP E 90 -23.62 20.66 -8.03
CA ASP E 90 -25.05 20.90 -7.85
C ASP E 90 -25.85 19.85 -8.61
N LYS E 91 -27.17 20.00 -8.63
CA LYS E 91 -28.01 19.09 -9.40
C LYS E 91 -27.72 19.17 -10.90
N ASP E 92 -26.97 20.18 -11.34
CA ASP E 92 -26.60 20.34 -12.74
C ASP E 92 -25.24 19.75 -13.07
N GLY E 93 -24.74 18.82 -12.24
CA GLY E 93 -23.45 18.20 -12.48
C GLY E 93 -22.22 19.08 -12.40
N VAL E 94 -22.32 20.25 -11.75
CA VAL E 94 -21.29 21.29 -11.81
C VAL E 94 -20.81 21.59 -10.40
N ALA E 95 -19.50 21.43 -10.18
CA ALA E 95 -18.86 21.79 -8.93
C ALA E 95 -18.04 23.05 -9.15
N ASP E 96 -18.44 24.15 -8.52
CA ASP E 96 -17.62 25.36 -8.50
C ASP E 96 -16.71 25.29 -7.29
N VAL E 97 -15.46 25.68 -7.48
CA VAL E 97 -14.44 25.54 -6.46
C VAL E 97 -13.84 26.91 -6.16
N SER E 98 -13.69 27.21 -4.86
CA SER E 98 -12.91 28.35 -4.40
C SER E 98 -12.49 28.02 -2.96
N ILE E 99 -11.26 27.53 -2.83
CA ILE E 99 -10.70 27.15 -1.55
C ILE E 99 -9.35 27.82 -1.40
N GLU E 100 -8.78 27.69 -0.22
CA GLU E 100 -7.46 28.23 0.06
C GLU E 100 -6.81 27.32 1.08
N ASP E 101 -5.57 26.91 0.82
CA ASP E 101 -4.91 25.91 1.65
C ASP E 101 -3.48 26.38 1.91
N SER E 102 -2.92 26.04 3.04
CA SER E 102 -1.51 26.40 3.24
C SER E 102 -0.62 25.18 3.43
N VAL E 103 -1.17 23.98 3.30
CA VAL E 103 -0.34 22.78 3.32
C VAL E 103 0.29 22.56 1.95
N ILE E 104 -0.47 22.81 0.88
CA ILE E 104 0.08 22.74 -0.46
C ILE E 104 0.90 24.00 -0.71
N SER E 105 1.62 24.03 -1.82
CA SER E 105 2.53 25.11 -2.13
C SER E 105 2.93 24.99 -3.59
N LEU E 106 3.21 26.15 -4.20
CA LEU E 106 3.73 26.23 -5.56
C LEU E 106 5.25 26.30 -5.59
N SER E 107 5.92 25.94 -4.49
CA SER E 107 7.39 25.94 -4.45
C SER E 107 7.81 25.12 -3.25
N GLY E 108 9.10 24.76 -3.22
CA GLY E 108 9.64 24.10 -2.05
C GLY E 108 9.28 22.63 -1.96
N ASP E 109 9.28 22.13 -0.71
CA ASP E 109 9.12 20.70 -0.45
C ASP E 109 7.68 20.23 -0.63
N HIS E 110 6.69 21.10 -0.44
CA HIS E 110 5.30 20.71 -0.65
C HIS E 110 4.81 21.10 -2.03
N CYS E 111 5.73 21.29 -2.96
CA CYS E 111 5.40 21.75 -4.31
C CYS E 111 4.54 20.71 -5.03
N ILE E 112 3.47 21.17 -5.64
CA ILE E 112 2.56 20.30 -6.37
C ILE E 112 2.66 20.56 -7.88
N ILE E 113 3.59 21.39 -8.31
CA ILE E 113 3.73 21.63 -9.74
C ILE E 113 4.31 20.37 -10.38
N GLY E 114 3.73 19.97 -11.51
CA GLY E 114 4.12 18.73 -12.15
C GLY E 114 3.53 17.49 -11.55
N ARG E 115 2.64 17.63 -10.56
CA ARG E 115 1.91 16.49 -10.02
C ARG E 115 0.48 16.53 -10.55
N THR E 116 -0.35 15.59 -10.11
CA THR E 116 -1.64 15.40 -10.78
C THR E 116 -2.81 15.77 -9.87
N LEU E 117 -3.72 16.61 -10.38
CA LEU E 117 -4.96 16.92 -9.69
C LEU E 117 -6.09 16.00 -10.16
N VAL E 118 -6.77 15.38 -9.20
CA VAL E 118 -7.72 14.28 -9.44
C VAL E 118 -9.04 14.58 -8.73
N VAL E 119 -10.15 14.46 -9.47
CA VAL E 119 -11.49 14.48 -8.89
C VAL E 119 -12.07 13.07 -8.93
N HIS E 120 -12.76 12.66 -7.85
CA HIS E 120 -13.12 11.26 -7.65
C HIS E 120 -14.61 10.99 -7.81
N GLU E 121 -14.92 9.70 -7.94
CA GLU E 121 -16.32 9.31 -8.17
C GLU E 121 -17.16 9.44 -6.90
N LYS E 122 -16.57 9.16 -5.73
CA LYS E 122 -17.26 9.22 -4.45
C LYS E 122 -16.65 10.27 -3.53
N ALA E 123 -17.43 10.63 -2.51
CA ALA E 123 -17.03 11.62 -1.52
C ALA E 123 -15.80 11.15 -0.73
N ASP E 124 -14.84 12.05 -0.53
CA ASP E 124 -13.75 11.78 0.41
C ASP E 124 -14.31 11.71 1.83
N ASP E 125 -13.99 10.64 2.56
CA ASP E 125 -14.56 10.43 3.89
C ASP E 125 -13.75 11.13 4.98
N LEU E 126 -12.77 11.94 4.57
CA LEU E 126 -11.92 12.78 5.42
C LEU E 126 -11.17 11.98 6.48
N GLY E 127 -10.97 10.69 6.25
CA GLY E 127 -10.29 9.86 7.23
C GLY E 127 -11.13 9.47 8.43
N LYS E 128 -12.45 9.64 8.39
CA LYS E 128 -13.31 9.30 9.53
C LYS E 128 -14.04 7.97 9.36
N GLY E 129 -13.66 7.15 8.37
CA GLY E 129 -14.52 6.05 7.96
C GLY E 129 -14.51 4.82 8.83
N GLY E 130 -13.59 4.73 9.81
CA GLY E 130 -13.55 3.57 10.69
C GLY E 130 -12.97 2.30 10.12
N ASN E 131 -12.09 2.40 9.11
CA ASN E 131 -11.42 1.24 8.56
C ASN E 131 -10.04 1.66 8.08
N GLU E 132 -9.27 0.69 7.58
CA GLU E 132 -7.88 0.94 7.21
C GLU E 132 -7.78 1.77 5.94
N GLU E 133 -8.58 1.43 4.93
CA GLU E 133 -8.66 2.23 3.72
C GLU E 133 -8.90 3.71 4.00
N SER E 134 -9.83 4.02 4.91
CA SER E 134 -10.22 5.41 5.18
C SER E 134 -9.02 6.31 5.39
N THR E 135 -8.06 5.85 6.20
CA THR E 135 -6.86 6.63 6.44
C THR E 135 -5.81 6.47 5.34
N LYS E 136 -6.21 5.99 4.16
CA LYS E 136 -5.33 5.93 3.00
C LYS E 136 -5.86 6.81 1.87
N THR E 137 -7.06 6.53 1.38
CA THR E 137 -7.65 7.25 0.28
C THR E 137 -8.94 7.96 0.65
N GLY E 138 -9.47 7.71 1.86
CA GLY E 138 -10.77 8.20 2.28
C GLY E 138 -11.95 7.57 1.56
N ASN E 139 -11.75 6.40 0.92
CA ASN E 139 -12.83 5.71 0.21
C ASN E 139 -13.55 6.62 -0.79
N ALA E 140 -12.80 7.53 -1.43
CA ALA E 140 -13.36 8.36 -2.50
C ALA E 140 -13.60 7.60 -3.80
N GLY E 141 -13.18 6.34 -3.89
CA GLY E 141 -13.51 5.56 -5.06
C GLY E 141 -12.52 5.78 -6.20
N SER E 142 -13.01 5.78 -7.43
CA SER E 142 -12.19 5.79 -8.63
C SER E 142 -11.93 7.22 -9.10
N ARG E 143 -10.99 7.35 -10.04
CA ARG E 143 -10.53 8.63 -10.55
C ARG E 143 -11.28 8.96 -11.84
N LEU E 144 -12.09 10.01 -11.80
CA LEU E 144 -12.97 10.35 -12.91
C LEU E 144 -12.31 11.30 -13.90
N ALA E 145 -11.52 12.24 -13.41
CA ALA E 145 -10.77 13.12 -14.28
C ALA E 145 -9.57 13.66 -13.53
N CYS E 146 -8.52 13.95 -14.29
CA CYS E 146 -7.26 14.39 -13.72
C CYS E 146 -6.52 15.22 -14.75
N GLY E 147 -5.51 15.93 -14.27
CA GLY E 147 -4.63 16.66 -15.16
C GLY E 147 -3.34 16.96 -14.43
N VAL E 148 -2.30 17.28 -15.21
CA VAL E 148 -1.03 17.68 -14.62
C VAL E 148 -1.08 19.14 -14.24
N ILE E 149 -0.45 19.47 -13.12
CA ILE E 149 -0.43 20.84 -12.61
C ILE E 149 0.75 21.58 -13.24
N GLY E 150 0.46 22.61 -14.05
CA GLY E 150 1.52 23.34 -14.74
C GLY E 150 1.70 24.81 -14.38
N ILE E 151 2.89 25.36 -14.62
CA ILE E 151 3.13 26.77 -14.33
C ILE E 151 2.31 27.61 -15.28
N ALA E 152 1.74 28.71 -14.77
CA ALA E 152 0.91 29.61 -15.57
C ALA E 152 1.41 31.03 -15.40
N GLN E 153 1.04 31.88 -16.36
CA GLN E 153 1.51 33.27 -16.37
C GLN E 153 0.87 34.12 -15.29
N LEU F 4 -1.62 28.56 19.78
CA LEU F 4 -2.56 29.67 19.83
C LEU F 4 -2.55 30.37 21.19
N GLN F 5 -1.85 31.49 21.28
CA GLN F 5 -1.62 32.18 22.54
C GLN F 5 -2.40 33.49 22.58
N GLU F 6 -3.15 33.69 23.66
CA GLU F 6 -4.07 34.82 23.80
C GLU F 6 -3.57 35.80 24.84
N SER F 7 -3.51 37.07 24.46
CA SER F 7 -3.14 38.13 25.38
C SER F 7 -4.19 39.25 25.34
N GLY F 8 -4.36 39.91 26.48
CA GLY F 8 -5.30 41.02 26.61
C GLY F 8 -6.44 40.67 27.54
N GLY F 9 -7.50 41.47 27.46
CA GLY F 9 -8.71 41.18 28.20
C GLY F 9 -8.69 41.77 29.60
N GLY F 10 -9.86 41.72 30.25
CA GLY F 10 -9.99 42.37 31.53
C GLY F 10 -11.37 43.00 31.68
N LEU F 11 -11.48 43.90 32.65
CA LEU F 11 -12.74 44.52 33.05
C LEU F 11 -12.69 46.00 32.73
N VAL F 12 -13.63 46.46 31.91
CA VAL F 12 -13.65 47.82 31.42
C VAL F 12 -15.04 48.40 31.63
N GLN F 13 -15.07 49.72 31.74
CA GLN F 13 -16.33 50.44 31.86
C GLN F 13 -16.90 50.73 30.48
N ALA F 14 -18.23 50.73 30.41
CA ALA F 14 -18.91 50.99 29.16
C ALA F 14 -18.33 52.22 28.49
N GLY F 15 -18.02 52.10 27.20
CA GLY F 15 -17.36 53.16 26.49
C GLY F 15 -15.85 53.08 26.52
N GLY F 16 -15.28 52.23 27.36
CA GLY F 16 -13.86 52.02 27.36
C GLY F 16 -13.38 51.24 26.14
N SER F 17 -12.09 50.94 26.15
CA SER F 17 -11.40 50.32 25.03
C SER F 17 -10.50 49.19 25.52
N LEU F 18 -10.25 48.24 24.63
CA LEU F 18 -9.49 47.05 24.99
C LEU F 18 -8.81 46.52 23.73
N ARG F 19 -7.67 45.88 23.90
CA ARG F 19 -6.95 45.33 22.75
C ARG F 19 -6.55 43.89 23.05
N LEU F 20 -7.03 42.94 22.24
CA LEU F 20 -6.58 41.56 22.35
C LEU F 20 -5.53 41.25 21.30
N SER F 21 -4.61 40.35 21.65
CA SER F 21 -3.61 39.86 20.71
C SER F 21 -3.62 38.34 20.72
N CYS F 22 -3.35 37.76 19.55
CA CYS F 22 -3.31 36.31 19.40
C CYS F 22 -2.06 35.90 18.66
N ALA F 23 -1.31 34.96 19.24
CA ALA F 23 -0.05 34.47 18.66
C ALA F 23 -0.20 33.88 17.26
N PRO F 28 2.12 24.45 12.93
CA PRO F 28 2.67 23.73 11.78
C PRO F 28 2.71 24.53 10.48
N TYR F 29 1.63 25.21 10.14
CA TYR F 29 1.52 25.93 8.87
C TYR F 29 1.08 27.36 9.13
N ARG F 30 1.05 28.17 8.07
CA ARG F 30 0.51 29.53 8.14
C ARG F 30 -1.00 29.44 8.40
N THR F 31 -1.72 30.55 8.27
CA THR F 31 -3.15 30.56 8.51
C THR F 31 -3.87 31.15 7.31
N VAL F 32 -5.00 30.55 6.95
CA VAL F 32 -5.84 31.14 5.92
C VAL F 32 -6.74 32.21 6.52
N PHE F 33 -7.41 31.89 7.62
CA PHE F 33 -8.12 32.90 8.37
C PHE F 33 -7.72 32.80 9.81
N MET F 34 -7.65 33.95 10.46
CA MET F 34 -7.36 33.97 11.88
C MET F 34 -8.18 35.08 12.52
N GLY F 35 -8.68 34.86 13.73
CA GLY F 35 -9.62 35.82 14.28
C GLY F 35 -10.18 35.42 15.63
N TRP F 36 -11.24 36.13 16.02
CA TRP F 36 -11.83 36.02 17.34
C TRP F 36 -13.29 35.62 17.25
N PHE F 37 -13.64 34.70 18.13
CA PHE F 37 -14.98 34.28 18.44
C PHE F 37 -15.29 34.67 19.88
N ARG F 38 -16.56 34.68 20.25
CA ARG F 38 -16.87 35.00 21.63
C ARG F 38 -18.12 34.28 22.07
N GLN F 39 -18.27 34.17 23.38
CA GLN F 39 -19.40 33.47 23.99
C GLN F 39 -19.87 34.35 25.14
N GLY F 40 -20.97 35.06 24.93
CA GLY F 40 -21.58 35.86 25.96
C GLY F 40 -22.34 35.00 26.93
N PRO F 41 -22.76 35.57 28.06
CA PRO F 41 -23.44 34.78 29.10
C PRO F 41 -24.66 34.06 28.55
N GLY F 42 -24.66 32.73 28.68
CA GLY F 42 -25.77 31.90 28.28
C GLY F 42 -25.99 31.70 26.79
N LYS F 43 -25.05 32.13 25.95
CA LYS F 43 -25.20 32.17 24.50
C LYS F 43 -24.27 31.15 23.85
N GLU F 44 -24.49 30.90 22.56
CA GLU F 44 -23.59 30.06 21.78
C GLU F 44 -22.45 30.90 21.22
N ARG F 45 -21.30 30.24 21.00
CA ARG F 45 -20.15 30.92 20.42
C ARG F 45 -20.51 31.54 19.07
N GLU F 46 -19.90 32.67 18.77
CA GLU F 46 -20.25 33.39 17.56
C GLU F 46 -19.02 34.12 17.05
N GLY F 47 -18.88 34.18 15.74
CA GLY F 47 -17.72 34.83 15.15
C GLY F 47 -17.77 36.32 15.39
N VAL F 48 -16.65 36.88 15.83
CA VAL F 48 -16.56 38.32 16.06
C VAL F 48 -15.87 38.96 14.86
N ALA F 49 -14.61 38.59 14.62
CA ALA F 49 -13.87 39.23 13.54
C ALA F 49 -12.74 38.34 13.12
N VAL F 50 -12.61 38.10 11.81
CA VAL F 50 -11.52 37.31 11.27
C VAL F 50 -10.88 38.06 10.11
N ILE F 51 -9.60 37.75 9.87
CA ILE F 51 -8.77 38.38 8.85
C ILE F 51 -8.14 37.29 7.98
N ASN F 52 -8.24 37.46 6.67
CA ASN F 52 -7.55 36.61 5.71
C ASN F 52 -6.05 36.90 5.73
N ALA F 53 -5.25 35.90 5.32
CA ALA F 53 -3.80 36.10 5.28
C ALA F 53 -3.38 37.24 4.37
N ASP F 54 -4.29 37.75 3.52
CA ASP F 54 -4.06 38.91 2.67
C ASP F 54 -4.14 40.25 3.41
N GLY F 55 -4.18 40.25 4.75
CA GLY F 55 -4.29 41.48 5.51
C GLY F 55 -5.66 42.13 5.35
N SER F 57 -8.71 41.55 3.59
CA SER F 57 -10.02 40.90 3.58
C SER F 57 -10.45 40.53 5.00
N THR F 58 -11.48 41.22 5.48
CA THR F 58 -11.93 41.08 6.85
C THR F 58 -13.35 40.55 6.86
N TYR F 59 -13.74 39.98 8.00
CA TYR F 59 -15.14 39.61 8.21
C TYR F 59 -15.53 39.95 9.64
N TYR F 60 -16.64 40.68 9.77
CA TYR F 60 -17.07 41.27 11.04
C TYR F 60 -18.49 40.83 11.37
N ALA F 61 -18.71 40.41 12.61
CA ALA F 61 -20.07 40.30 13.11
C ALA F 61 -20.78 41.63 12.95
N ASP F 62 -22.05 41.58 12.55
CA ASP F 62 -22.80 42.82 12.38
C ASP F 62 -22.79 43.63 13.67
N SER F 63 -23.01 42.98 14.82
CA SER F 63 -23.18 43.65 16.11
C SER F 63 -21.93 44.40 16.57
N VAL F 64 -20.87 44.35 15.78
CA VAL F 64 -19.58 44.84 16.20
C VAL F 64 -18.94 45.78 15.17
N LYS F 65 -19.63 46.04 14.06
CA LYS F 65 -19.08 46.84 12.96
C LYS F 65 -18.84 48.30 13.39
N GLY F 66 -17.65 48.79 13.11
CA GLY F 66 -17.30 50.16 13.46
C GLY F 66 -16.51 50.23 14.75
N ARG F 67 -16.98 49.53 15.77
CA ARG F 67 -16.37 49.59 17.09
C ARG F 67 -15.15 48.68 17.20
N PHE F 68 -15.15 47.54 16.50
CA PHE F 68 -14.07 46.56 16.56
C PHE F 68 -13.36 46.54 15.23
N THR F 69 -12.03 46.41 15.28
CA THR F 69 -11.21 46.31 14.09
C THR F 69 -10.16 45.23 14.31
N ILE F 70 -10.03 44.33 13.36
CA ILE F 70 -9.00 43.30 13.41
C ILE F 70 -7.87 43.68 12.45
N SER F 71 -6.63 43.49 12.88
CA SER F 71 -5.48 43.87 12.08
C SER F 71 -4.42 42.78 12.17
N GLN F 72 -3.56 42.77 11.17
CA GLN F 72 -2.61 41.69 10.94
C GLN F 72 -1.20 42.24 10.86
N ASP F 73 -0.28 41.61 11.60
CA ASP F 73 1.13 41.93 11.55
C ASP F 73 1.65 41.79 10.11
N THR F 78 0.65 36.55 14.59
CA THR F 78 -0.04 37.32 15.64
C THR F 78 -1.03 38.33 15.06
N VAL F 79 -2.29 38.30 15.55
CA VAL F 79 -3.38 39.15 15.10
C VAL F 79 -3.89 40.00 16.26
N TYR F 80 -4.50 41.15 15.94
CA TYR F 80 -4.93 42.12 16.94
C TYR F 80 -6.40 42.46 16.78
N LEU F 81 -7.10 42.50 17.91
CA LEU F 81 -8.50 42.96 17.96
C LEU F 81 -8.57 44.22 18.81
N GLN F 82 -8.77 45.37 18.16
CA GLN F 82 -8.97 46.64 18.82
C GLN F 82 -10.46 46.83 19.03
N MET F 83 -10.91 46.94 20.28
CA MET F 83 -12.33 47.06 20.59
C MET F 83 -12.56 48.38 21.29
N ASN F 84 -13.14 49.32 20.57
CA ASN F 84 -13.53 50.61 21.12
C ASN F 84 -15.03 50.62 21.36
N SER F 85 -15.48 51.61 22.14
CA SER F 85 -16.90 51.81 22.38
C SER F 85 -17.55 50.55 22.95
N LEU F 86 -16.85 49.91 23.89
CA LEU F 86 -17.34 48.65 24.45
C LEU F 86 -18.71 48.84 25.10
N LYS F 87 -19.58 47.90 24.87
CA LYS F 87 -20.92 47.90 25.42
C LYS F 87 -21.04 46.75 26.43
N PRO F 88 -21.95 46.86 27.41
CA PRO F 88 -22.18 45.70 28.27
C PRO F 88 -22.55 44.45 27.48
N GLU F 89 -23.22 44.60 26.33
CA GLU F 89 -23.47 43.49 25.41
C GLU F 89 -22.20 42.74 25.00
N ASP F 90 -21.03 43.38 25.12
CA ASP F 90 -19.79 42.78 24.66
C ASP F 90 -19.15 41.85 25.68
N THR F 91 -19.62 41.82 26.93
CA THR F 91 -18.92 40.96 27.88
C THR F 91 -19.17 39.52 27.47
N ALA F 92 -18.10 38.73 27.51
CA ALA F 92 -18.02 37.40 26.92
C ALA F 92 -16.66 36.82 27.22
N ILE F 93 -16.54 35.53 27.06
CA ILE F 93 -15.21 34.95 26.93
C ILE F 93 -14.87 34.94 25.44
N TYR F 94 -13.69 35.49 25.10
CA TYR F 94 -13.25 35.64 23.72
C TYR F 94 -12.21 34.57 23.41
N HIS F 95 -12.35 33.92 22.25
CA HIS F 95 -11.45 32.85 21.85
C HIS F 95 -10.79 33.18 20.53
N CYS F 96 -9.47 33.08 20.48
CA CYS F 96 -8.79 33.17 19.21
C CYS F 96 -8.96 31.85 18.45
N ALA F 97 -9.02 31.96 17.13
CA ALA F 97 -9.20 30.78 16.28
C ALA F 97 -8.45 30.97 14.96
N ALA F 98 -8.14 29.84 14.31
CA ALA F 98 -7.36 29.86 13.08
C ALA F 98 -7.59 28.58 12.28
N ASN F 99 -7.32 28.69 10.97
CA ASN F 99 -7.28 27.62 9.97
C ASN F 99 -5.90 27.52 9.34
N HIS F 100 -5.70 26.41 8.62
CA HIS F 100 -4.73 26.33 7.53
C HIS F 100 -5.43 26.02 6.22
N PHE F 101 -6.75 26.20 6.17
CA PHE F 101 -7.57 25.87 5.01
C PHE F 101 -8.92 26.53 5.20
N PHE F 102 -9.45 27.12 4.15
CA PHE F 102 -10.83 27.62 4.17
C PHE F 102 -11.48 27.34 2.83
N ASP F 103 -12.74 26.91 2.89
CA ASP F 103 -13.60 26.71 1.72
C ASP F 103 -14.52 27.92 1.63
N TYR F 104 -14.30 28.78 0.64
CA TYR F 104 -14.98 30.07 0.54
C TYR F 104 -16.47 29.92 0.26
N SER F 105 -16.96 28.70 0.07
CA SER F 105 -18.40 28.52 0.05
C SER F 105 -18.98 28.40 1.46
N ARG F 106 -18.15 28.41 2.50
CA ARG F 106 -18.63 28.38 3.88
C ARG F 106 -18.69 29.80 4.45
N ASP F 107 -19.27 29.90 5.65
CA ASP F 107 -19.31 31.16 6.38
C ASP F 107 -18.01 31.35 7.14
N PRO F 108 -17.28 32.45 6.92
CA PRO F 108 -16.01 32.65 7.65
C PRO F 108 -16.18 33.02 9.13
N LEU F 109 -17.40 33.26 9.61
CA LEU F 109 -17.60 33.54 11.01
C LEU F 109 -18.18 32.35 11.75
N ALA F 110 -18.19 31.16 11.14
CA ALA F 110 -18.79 30.00 11.77
C ALA F 110 -17.71 29.17 12.45
N THR F 111 -17.99 28.73 13.69
CA THR F 111 -16.96 28.04 14.46
C THR F 111 -16.52 26.75 13.77
N ALA F 112 -17.40 26.14 12.97
CA ALA F 112 -17.09 24.84 12.40
C ALA F 112 -15.91 24.92 11.47
N GLU F 113 -15.68 26.08 10.88
CA GLU F 113 -14.61 26.22 9.92
C GLU F 113 -13.25 26.44 10.57
N TYR F 114 -13.11 26.26 11.88
CA TYR F 114 -11.86 26.61 12.56
C TYR F 114 -11.35 25.44 13.38
N ASN F 115 -10.17 24.96 13.00
CA ASN F 115 -9.54 23.83 13.66
C ASN F 115 -8.90 24.23 14.97
N TYR F 116 -8.19 25.37 14.98
CA TYR F 116 -7.32 25.74 16.09
C TYR F 116 -7.99 26.77 17.00
N TRP F 117 -8.01 26.50 18.30
CA TRP F 117 -8.70 27.34 19.28
C TRP F 117 -7.75 27.70 20.42
N GLY F 118 -7.83 28.97 20.88
CA GLY F 118 -7.09 29.39 22.06
C GLY F 118 -7.86 29.11 23.35
N GLN F 119 -7.17 29.39 24.48
CA GLN F 119 -7.75 29.08 25.78
C GLN F 119 -8.90 30.02 26.15
N GLY F 120 -8.91 31.23 25.60
CA GLY F 120 -9.96 32.20 25.84
C GLY F 120 -9.60 33.22 26.90
N THR F 121 -10.00 34.48 26.71
CA THR F 121 -9.81 35.52 27.72
C THR F 121 -11.14 36.20 27.99
N GLN F 122 -11.44 36.41 29.26
CA GLN F 122 -12.66 37.09 29.65
C GLN F 122 -12.56 38.59 29.41
N VAL F 123 -13.62 39.15 28.83
CA VAL F 123 -13.82 40.58 28.72
C VAL F 123 -15.14 40.91 29.41
N THR F 124 -15.08 41.76 30.43
CA THR F 124 -16.28 42.15 31.14
C THR F 124 -16.43 43.66 31.04
N VAL F 125 -17.58 44.10 30.53
CA VAL F 125 -17.90 45.52 30.39
C VAL F 125 -19.04 45.86 31.35
N SER F 126 -18.82 46.87 32.19
CA SER F 126 -19.74 47.24 33.25
C SER F 126 -20.47 48.54 32.93
N SER F 127 -21.68 48.66 33.51
CA SER F 127 -22.53 49.87 33.45
C SER F 127 -22.74 50.45 32.05
N ALA G 1 -0.62 -34.14 10.53
CA ALA G 1 -1.42 -34.13 9.30
C ALA G 1 -2.65 -33.24 9.43
N THR G 2 -2.89 -32.37 8.43
CA THR G 2 -4.04 -31.48 8.42
C THR G 2 -4.63 -31.42 7.02
N LYS G 3 -5.94 -31.24 6.99
CA LYS G 3 -6.72 -31.08 5.77
C LYS G 3 -7.52 -29.80 5.89
N ALA G 4 -7.76 -29.15 4.76
CA ALA G 4 -8.56 -27.94 4.79
C ALA G 4 -9.29 -27.84 3.46
N VAL G 5 -10.24 -26.90 3.40
CA VAL G 5 -11.16 -26.82 2.27
C VAL G 5 -11.65 -25.39 2.11
N CYS G 6 -12.06 -25.06 0.88
CA CYS G 6 -12.53 -23.71 0.58
C CYS G 6 -13.55 -23.76 -0.54
N VAL G 7 -14.73 -23.22 -0.25
CA VAL G 7 -15.79 -23.05 -1.25
C VAL G 7 -15.73 -21.62 -1.74
N LEU G 8 -15.53 -21.46 -3.05
CA LEU G 8 -15.38 -20.14 -3.67
C LEU G 8 -16.72 -19.73 -4.30
N LYS G 9 -17.11 -18.49 -4.03
CA LYS G 9 -18.30 -17.85 -4.58
C LYS G 9 -18.02 -16.38 -4.82
N GLY G 10 -18.79 -15.78 -5.74
CA GLY G 10 -18.71 -14.34 -5.93
C GLY G 10 -20.01 -13.73 -6.42
N ASP G 11 -19.97 -12.44 -6.78
CA ASP G 11 -21.15 -11.77 -7.33
C ASP G 11 -21.59 -12.35 -8.67
N GLY G 12 -20.76 -13.14 -9.33
CA GLY G 12 -21.05 -13.61 -10.66
C GLY G 12 -21.09 -15.11 -10.75
N PRO G 13 -20.64 -15.65 -11.90
CA PRO G 13 -20.78 -17.08 -12.18
C PRO G 13 -19.65 -17.98 -11.69
N VAL G 14 -18.56 -17.41 -11.19
CA VAL G 14 -17.38 -18.20 -10.83
C VAL G 14 -17.64 -18.88 -9.50
N GLN G 15 -17.52 -20.21 -9.46
CA GLN G 15 -17.63 -20.89 -8.18
C GLN G 15 -16.76 -22.14 -8.20
N GLY G 16 -16.39 -22.62 -7.02
CA GLY G 16 -15.70 -23.90 -7.04
C GLY G 16 -15.36 -24.43 -5.65
N ILE G 17 -14.61 -25.53 -5.64
CA ILE G 17 -14.13 -26.15 -4.41
C ILE G 17 -12.65 -26.45 -4.55
N ILE G 18 -11.86 -25.99 -3.58
CA ILE G 18 -10.44 -26.26 -3.52
C ILE G 18 -10.14 -26.97 -2.20
N ASN G 19 -9.26 -27.97 -2.27
CA ASN G 19 -8.83 -28.79 -1.14
C ASN G 19 -7.36 -28.54 -0.86
N PHE G 20 -7.01 -28.64 0.42
CA PHE G 20 -5.63 -28.51 0.89
C PHE G 20 -5.33 -29.71 1.76
N GLU G 21 -4.12 -30.23 1.64
CA GLU G 21 -3.71 -31.32 2.53
C GLU G 21 -2.22 -31.17 2.80
N GLN G 22 -1.83 -31.44 4.06
CA GLN G 22 -0.45 -31.27 4.51
C GLN G 22 -0.12 -32.42 5.44
N LYS G 23 0.80 -33.29 5.01
CA LYS G 23 1.13 -34.50 5.73
C LYS G 23 2.04 -34.24 6.92
N GLU G 24 2.92 -33.27 6.82
CA GLU G 24 3.97 -33.04 7.79
C GLU G 24 3.99 -31.57 8.16
N SER G 25 4.12 -31.29 9.45
CA SER G 25 4.33 -29.91 9.87
C SER G 25 5.52 -29.34 9.13
N ASN G 26 5.36 -28.12 8.63
CA ASN G 26 6.40 -27.44 7.86
C ASN G 26 6.73 -28.16 6.55
N GLY G 27 5.91 -29.14 6.16
CA GLY G 27 6.00 -29.76 4.87
C GLY G 27 5.12 -29.10 3.84
N PRO G 28 5.14 -29.59 2.61
CA PRO G 28 4.40 -28.93 1.54
C PRO G 28 2.91 -29.25 1.60
N VAL G 29 2.13 -28.35 1.00
CA VAL G 29 0.68 -28.40 1.01
C VAL G 29 0.22 -28.68 -0.41
N LYS G 30 -0.42 -29.85 -0.60
CA LYS G 30 -1.07 -30.17 -1.86
C LYS G 30 -2.38 -29.42 -1.97
N VAL G 31 -2.59 -28.74 -3.10
CA VAL G 31 -3.73 -27.86 -3.30
C VAL G 31 -4.41 -28.26 -4.60
N TRP G 32 -5.62 -28.82 -4.51
CA TRP G 32 -6.24 -29.36 -5.71
C TRP G 32 -7.75 -29.17 -5.66
N GLY G 33 -8.37 -29.18 -6.83
CA GLY G 33 -9.81 -29.02 -6.87
C GLY G 33 -10.24 -28.49 -8.22
N SER G 34 -11.36 -27.76 -8.23
CA SER G 34 -11.81 -27.23 -9.50
C SER G 34 -12.62 -25.96 -9.30
N ILE G 35 -12.41 -25.01 -10.22
CA ILE G 35 -13.15 -23.76 -10.27
C ILE G 35 -13.82 -23.68 -11.63
N LYS G 36 -15.09 -23.28 -11.68
CA LYS G 36 -15.88 -23.27 -12.90
C LYS G 36 -16.44 -21.86 -13.12
N GLY G 37 -16.89 -21.63 -14.35
CA GLY G 37 -17.46 -20.36 -14.73
C GLY G 37 -16.48 -19.29 -15.16
N LEU G 38 -15.22 -19.64 -15.39
CA LEU G 38 -14.22 -18.62 -15.70
C LEU G 38 -14.08 -18.43 -17.21
N THR G 39 -13.45 -17.32 -17.57
CA THR G 39 -13.02 -17.15 -18.96
C THR G 39 -11.87 -18.10 -19.28
N GLU G 40 -11.76 -18.49 -20.55
CA GLU G 40 -10.61 -19.29 -20.98
C GLU G 40 -9.34 -18.50 -20.70
N GLY G 41 -8.31 -19.21 -20.20
CA GLY G 41 -7.00 -18.64 -20.00
C GLY G 41 -6.57 -18.68 -18.54
N LEU G 42 -5.83 -17.65 -18.13
CA LEU G 42 -5.11 -17.63 -16.88
C LEU G 42 -5.79 -16.71 -15.86
N HIS G 43 -5.90 -17.16 -14.61
CA HIS G 43 -6.52 -16.35 -13.57
C HIS G 43 -5.66 -16.36 -12.32
N GLY G 44 -5.32 -15.16 -11.85
CA GLY G 44 -4.70 -14.98 -10.54
C GLY G 44 -5.34 -15.83 -9.46
N PHE G 45 -4.53 -16.29 -8.51
CA PHE G 45 -4.96 -17.32 -7.55
C PHE G 45 -4.14 -17.08 -6.30
N HIS G 46 -4.75 -16.49 -5.28
CA HIS G 46 -3.97 -16.10 -4.10
C HIS G 46 -4.72 -16.37 -2.81
N VAL G 47 -3.96 -16.44 -1.74
CA VAL G 47 -4.49 -16.39 -0.40
C VAL G 47 -4.36 -14.94 0.07
N HIS G 48 -5.49 -14.34 0.41
CA HIS G 48 -5.52 -12.98 0.94
C HIS G 48 -5.66 -13.03 2.45
N GLU G 49 -5.23 -11.93 3.07
CA GLU G 49 -4.85 -11.94 4.48
C GLU G 49 -6.02 -12.27 5.41
N PHE G 50 -7.21 -11.75 5.14
CA PHE G 50 -8.31 -11.81 6.10
C PHE G 50 -9.44 -12.73 5.62
N GLY G 51 -9.93 -13.56 6.54
CA GLY G 51 -11.05 -14.44 6.26
C GLY G 51 -12.37 -13.73 6.49
N ASP G 52 -12.51 -12.55 5.91
CA ASP G 52 -13.61 -11.63 6.19
C ASP G 52 -14.37 -11.43 4.89
N ASN G 53 -15.56 -11.99 4.82
CA ASN G 53 -16.40 -11.96 3.64
C ASN G 53 -17.54 -10.94 3.75
N THR G 54 -17.51 -10.04 4.75
CA THR G 54 -18.69 -9.21 5.00
C THR G 54 -18.95 -8.26 3.83
N ALA G 55 -17.90 -7.65 3.30
CA ALA G 55 -17.96 -6.87 2.05
C ALA G 55 -17.62 -7.72 0.85
N GLY G 56 -18.06 -8.97 0.81
CA GLY G 56 -17.61 -9.83 -0.27
C GLY G 56 -16.09 -9.96 -0.35
N CYS G 57 -15.62 -10.32 -1.55
CA CYS G 57 -14.20 -10.55 -1.74
C CYS G 57 -13.38 -9.33 -1.35
N THR G 58 -13.98 -8.15 -1.44
CA THR G 58 -13.17 -6.97 -1.26
C THR G 58 -12.78 -6.75 0.20
N SER G 59 -13.40 -7.44 1.16
CA SER G 59 -12.92 -7.26 2.53
C SER G 59 -11.82 -8.26 2.91
N ALA G 60 -11.47 -9.20 2.00
CA ALA G 60 -10.37 -10.12 2.27
C ALA G 60 -9.01 -9.44 2.40
N GLY G 61 -8.89 -8.15 2.08
CA GLY G 61 -7.63 -7.47 2.27
C GLY G 61 -6.59 -7.82 1.20
N PRO G 62 -5.32 -7.57 1.51
CA PRO G 62 -4.25 -7.77 0.50
C PRO G 62 -3.72 -9.20 0.46
N HIS G 63 -2.70 -9.47 -0.38
CA HIS G 63 -2.15 -10.82 -0.42
C HIS G 63 -1.57 -11.19 0.94
N PHE G 64 -1.84 -12.41 1.38
CA PHE G 64 -1.22 -12.88 2.62
C PHE G 64 0.30 -12.76 2.50
N ASN G 65 0.90 -11.86 3.28
CA ASN G 65 2.29 -11.45 3.10
C ASN G 65 2.98 -11.28 4.45
N PRO G 66 3.12 -12.36 5.23
CA PRO G 66 3.72 -12.23 6.56
C PRO G 66 5.20 -11.86 6.53
N LEU G 67 5.89 -11.98 5.40
CA LEU G 67 7.31 -11.67 5.39
C LEU G 67 7.62 -10.34 4.73
N SER G 68 6.61 -9.57 4.34
CA SER G 68 6.82 -8.22 3.79
C SER G 68 7.69 -8.24 2.54
N ARG G 69 7.56 -9.30 1.75
CA ARG G 69 8.25 -9.41 0.47
C ARG G 69 7.38 -8.81 -0.62
N LYS G 70 7.97 -8.65 -1.82
CA LYS G 70 7.23 -8.16 -2.96
C LYS G 70 6.52 -9.32 -3.66
N HIS G 71 5.45 -9.00 -4.39
CA HIS G 71 4.70 -10.00 -5.12
C HIS G 71 5.60 -10.70 -6.15
N GLY G 72 5.30 -11.96 -6.42
CA GLY G 72 6.02 -12.74 -7.38
C GLY G 72 5.21 -13.96 -7.79
N GLY G 73 5.85 -14.84 -8.52
CA GLY G 73 5.23 -16.10 -8.90
C GLY G 73 5.47 -17.13 -7.81
N PRO G 74 4.69 -18.21 -7.83
CA PRO G 74 4.84 -19.22 -6.77
C PRO G 74 6.17 -19.94 -6.79
N LYS G 75 6.88 -19.94 -7.93
CA LYS G 75 8.20 -20.57 -7.99
C LYS G 75 9.29 -19.69 -7.39
N ASP G 76 9.11 -18.36 -7.36
CA ASP G 76 10.17 -17.47 -6.91
C ASP G 76 10.36 -17.57 -5.41
N GLU G 77 11.46 -16.99 -4.93
CA GLU G 77 11.69 -16.82 -3.50
C GLU G 77 11.19 -15.47 -3.03
N GLU G 78 11.32 -14.44 -3.85
CA GLU G 78 10.72 -13.13 -3.61
C GLU G 78 9.26 -13.25 -3.99
N ARG G 79 8.42 -13.54 -3.00
CA ARG G 79 6.99 -13.73 -3.25
C ARG G 79 6.24 -13.61 -1.93
N HIS G 80 4.97 -13.23 -2.04
CA HIS G 80 4.05 -13.30 -0.92
C HIS G 80 3.74 -14.76 -0.60
N VAL G 81 3.60 -15.07 0.69
CA VAL G 81 3.24 -16.44 1.10
C VAL G 81 1.97 -16.87 0.38
N GLY G 82 1.06 -15.95 0.13
CA GLY G 82 -0.16 -16.28 -0.55
C GLY G 82 -0.14 -16.32 -2.06
N ASP G 83 1.02 -16.12 -2.71
CA ASP G 83 1.07 -16.13 -4.17
C ASP G 83 1.07 -17.57 -4.66
N LEU G 84 -0.05 -18.01 -5.22
CA LEU G 84 -0.14 -19.34 -5.84
C LEU G 84 -0.25 -19.25 -7.35
N GLY G 85 0.09 -18.11 -7.94
CA GLY G 85 0.25 -18.03 -9.37
C GLY G 85 -1.06 -17.97 -10.09
N ASN G 86 -1.20 -18.80 -11.11
CA ASN G 86 -2.35 -18.76 -11.99
C ASN G 86 -3.01 -20.12 -12.06
N VAL G 87 -4.31 -20.11 -12.25
CA VAL G 87 -5.07 -21.31 -12.58
C VAL G 87 -5.46 -21.18 -14.04
N THR G 88 -5.62 -22.31 -14.69
CA THR G 88 -5.83 -22.32 -16.13
C THR G 88 -7.19 -22.92 -16.42
N ALA G 89 -8.08 -22.06 -16.92
CA ALA G 89 -9.41 -22.46 -17.35
C ALA G 89 -9.36 -22.82 -18.84
N ASP G 90 -9.87 -24.01 -19.18
CA ASP G 90 -10.05 -24.42 -20.56
C ASP G 90 -11.19 -23.64 -21.23
N LYS G 91 -11.65 -24.10 -22.39
CA LYS G 91 -12.65 -23.37 -23.16
C LYS G 91 -14.05 -23.48 -22.56
N ASP G 92 -14.29 -24.48 -21.72
CA ASP G 92 -15.55 -24.63 -21.01
C ASP G 92 -15.54 -23.96 -19.64
N GLY G 93 -14.76 -22.89 -19.48
CA GLY G 93 -14.75 -22.09 -18.28
C GLY G 93 -14.24 -22.78 -17.04
N VAL G 94 -13.76 -24.00 -17.22
CA VAL G 94 -13.39 -24.91 -16.14
C VAL G 94 -11.88 -24.93 -15.99
N ALA G 95 -11.42 -24.92 -14.74
CA ALA G 95 -10.01 -24.93 -14.41
C ALA G 95 -9.80 -26.00 -13.36
N ASP G 96 -9.08 -27.07 -13.74
CA ASP G 96 -8.69 -28.13 -12.81
C ASP G 96 -7.38 -27.73 -12.16
N VAL G 97 -7.35 -27.73 -10.84
CA VAL G 97 -6.21 -27.27 -10.07
C VAL G 97 -5.59 -28.50 -9.42
N SER G 98 -4.27 -28.64 -9.57
CA SER G 98 -3.52 -29.60 -8.74
C SER G 98 -2.08 -29.09 -8.69
N ILE G 99 -1.72 -28.53 -7.55
CA ILE G 99 -0.41 -27.95 -7.32
C ILE G 99 0.08 -28.43 -5.97
N GLU G 100 1.29 -28.00 -5.63
CA GLU G 100 1.86 -28.32 -4.33
C GLU G 100 2.82 -27.19 -4.00
N ASP G 101 2.71 -26.66 -2.78
CA ASP G 101 3.48 -25.49 -2.42
C ASP G 101 4.10 -25.69 -1.04
N SER G 102 5.40 -25.39 -0.94
CA SER G 102 6.09 -25.50 0.34
C SER G 102 6.03 -24.21 1.15
N VAL G 103 5.56 -23.11 0.55
CA VAL G 103 5.58 -21.83 1.23
C VAL G 103 4.36 -21.64 2.14
N ILE G 104 3.15 -21.94 1.64
CA ILE G 104 1.99 -21.94 2.53
C ILE G 104 2.11 -23.09 3.54
N SER G 105 1.33 -23.00 4.61
CA SER G 105 1.27 -24.07 5.60
C SER G 105 -0.12 -24.09 6.20
N LEU G 106 -0.55 -25.27 6.64
CA LEU G 106 -1.78 -25.39 7.42
C LEU G 106 -1.50 -25.41 8.93
N SER G 107 -0.35 -24.87 9.35
CA SER G 107 0.03 -24.79 10.75
C SER G 107 1.09 -23.70 10.89
N GLY G 108 1.30 -23.26 12.13
CA GLY G 108 2.37 -22.29 12.38
C GLY G 108 2.09 -20.90 11.83
N ASP G 109 3.17 -20.18 11.53
CA ASP G 109 3.07 -18.76 11.25
C ASP G 109 2.64 -18.46 9.81
N HIS G 110 3.03 -19.29 8.85
CA HIS G 110 2.50 -19.17 7.50
C HIS G 110 1.11 -19.80 7.35
N CYS G 111 0.41 -20.06 8.45
CA CYS G 111 -0.88 -20.76 8.38
C CYS G 111 -1.91 -19.95 7.62
N ILE G 112 -2.62 -20.60 6.71
CA ILE G 112 -3.62 -19.94 5.90
C ILE G 112 -5.04 -20.29 6.29
N ILE G 113 -5.24 -21.12 7.32
CA ILE G 113 -6.58 -21.47 7.77
C ILE G 113 -7.27 -20.22 8.30
N GLY G 114 -8.51 -20.00 7.89
CA GLY G 114 -9.20 -18.81 8.30
C GLY G 114 -8.83 -17.56 7.54
N ARG G 115 -8.14 -17.69 6.42
CA ARG G 115 -7.86 -16.60 5.51
C ARG G 115 -8.66 -16.88 4.25
N THR G 116 -8.45 -16.09 3.20
CA THR G 116 -9.37 -16.14 2.06
C THR G 116 -8.67 -16.60 0.79
N LEU G 117 -9.25 -17.57 0.11
CA LEU G 117 -8.79 -17.97 -1.21
C LEU G 117 -9.55 -17.18 -2.27
N VAL G 118 -8.80 -16.58 -3.19
CA VAL G 118 -9.32 -15.65 -4.19
C VAL G 118 -8.85 -16.05 -5.60
N VAL G 119 -9.80 -16.10 -6.53
CA VAL G 119 -9.50 -16.24 -7.95
C VAL G 119 -9.96 -14.97 -8.66
N HIS G 120 -9.06 -14.41 -9.47
CA HIS G 120 -9.13 -13.10 -10.08
C HIS G 120 -9.56 -13.17 -11.54
N GLU G 121 -9.82 -11.99 -12.12
CA GLU G 121 -10.33 -11.93 -13.48
C GLU G 121 -9.21 -11.99 -14.51
N LYS G 122 -8.15 -11.21 -14.32
CA LYS G 122 -6.98 -11.21 -15.19
C LYS G 122 -5.89 -12.13 -14.66
N ALA G 123 -5.01 -12.55 -15.58
CA ALA G 123 -3.90 -13.41 -15.24
C ALA G 123 -2.93 -12.70 -14.30
N ASP G 124 -2.44 -13.45 -13.31
CA ASP G 124 -1.35 -12.97 -12.48
C ASP G 124 -0.08 -12.86 -13.33
N ASP G 125 0.49 -11.67 -13.40
CA ASP G 125 1.67 -11.46 -14.21
C ASP G 125 2.95 -11.86 -13.46
N LEU G 126 2.80 -12.53 -12.31
CA LEU G 126 3.90 -13.07 -11.52
C LEU G 126 4.93 -12.02 -11.14
N GLY G 127 4.56 -10.75 -11.12
CA GLY G 127 5.51 -9.73 -10.71
C GLY G 127 6.57 -9.43 -11.73
N LYS G 128 6.29 -9.67 -13.02
CA LYS G 128 7.24 -9.36 -14.09
C LYS G 128 6.79 -8.18 -14.93
N GLY G 129 5.81 -7.41 -14.49
CA GLY G 129 5.21 -6.38 -15.30
C GLY G 129 5.90 -5.03 -15.28
N GLY G 130 7.09 -4.93 -14.67
CA GLY G 130 7.89 -3.72 -14.75
C GLY G 130 7.29 -2.46 -14.15
N ASN G 131 6.04 -2.52 -13.69
CA ASN G 131 5.36 -1.38 -13.09
C ASN G 131 5.14 -1.60 -11.59
N GLU G 132 4.64 -0.54 -10.94
CA GLU G 132 4.47 -0.58 -9.49
C GLU G 132 3.42 -1.61 -9.08
N GLU G 133 2.26 -1.59 -9.72
CA GLU G 133 1.21 -2.51 -9.34
C GLU G 133 1.66 -3.97 -9.44
N SER G 134 2.47 -4.31 -10.46
CA SER G 134 2.89 -5.70 -10.65
C SER G 134 3.63 -6.23 -9.42
N THR G 135 4.40 -5.38 -8.75
CA THR G 135 5.17 -5.78 -7.59
C THR G 135 4.31 -5.92 -6.33
N LYS G 136 3.01 -5.62 -6.45
CA LYS G 136 2.07 -5.66 -5.34
C LYS G 136 1.00 -6.72 -5.54
N THR G 137 0.31 -6.68 -6.67
CA THR G 137 -0.79 -7.58 -6.95
C THR G 137 -0.58 -8.45 -8.17
N GLY G 138 0.52 -8.29 -8.91
CA GLY G 138 0.67 -8.97 -10.17
C GLY G 138 -0.33 -8.58 -11.23
N ASN G 139 -1.05 -7.46 -11.03
CA ASN G 139 -2.00 -6.93 -12.02
C ASN G 139 -3.05 -7.96 -12.41
N ALA G 140 -3.49 -8.78 -11.44
CA ALA G 140 -4.53 -9.75 -11.76
C ALA G 140 -5.94 -9.16 -11.74
N GLY G 141 -6.07 -7.88 -11.36
CA GLY G 141 -7.36 -7.22 -11.40
C GLY G 141 -8.31 -7.70 -10.31
N SER G 142 -9.60 -7.65 -10.63
CA SER G 142 -10.67 -7.78 -9.65
C SER G 142 -10.77 -9.20 -9.11
N ARG G 143 -11.52 -9.34 -8.03
CA ARG G 143 -11.71 -10.62 -7.36
C ARG G 143 -13.05 -11.20 -7.81
N LEU G 144 -13.00 -12.34 -8.48
CA LEU G 144 -14.21 -12.94 -9.00
C LEU G 144 -14.82 -13.92 -8.02
N ALA G 145 -14.00 -14.67 -7.31
CA ALA G 145 -14.60 -15.54 -6.32
C ALA G 145 -13.63 -15.72 -5.17
N CYS G 146 -14.18 -15.94 -3.98
CA CYS G 146 -13.37 -16.09 -2.80
C CYS G 146 -14.11 -16.94 -1.80
N GLY G 147 -13.37 -17.41 -0.80
CA GLY G 147 -13.96 -18.24 0.23
C GLY G 147 -13.01 -18.34 1.40
N VAL G 148 -13.56 -18.62 2.58
CA VAL G 148 -12.70 -18.74 3.75
C VAL G 148 -12.16 -20.15 3.79
N ILE G 149 -10.85 -20.28 4.05
CA ILE G 149 -10.21 -21.60 4.15
C ILE G 149 -10.50 -22.17 5.54
N GLY G 150 -11.17 -23.31 5.57
CA GLY G 150 -11.62 -23.87 6.82
C GLY G 150 -11.08 -25.26 7.09
N ILE G 151 -11.10 -25.69 8.36
CA ILE G 151 -10.54 -26.99 8.72
C ILE G 151 -11.46 -28.06 8.18
N ALA G 152 -10.86 -29.16 7.68
CA ALA G 152 -11.59 -30.27 7.08
C ALA G 152 -11.19 -31.55 7.79
N GLN G 153 -12.05 -32.56 7.71
CA GLN G 153 -11.72 -33.82 8.39
C GLN G 153 -10.58 -34.59 7.67
N GLN H 3 22.09 -22.67 -2.91
CA GLN H 3 23.23 -23.53 -3.25
C GLN H 3 22.86 -25.02 -3.14
N LEU H 4 22.89 -25.70 -4.28
CA LEU H 4 22.73 -27.14 -4.35
C LEU H 4 24.11 -27.78 -4.55
N GLN H 5 24.53 -28.61 -3.61
CA GLN H 5 25.89 -29.15 -3.62
C GLN H 5 25.89 -30.55 -4.18
N GLU H 6 26.62 -30.76 -5.27
CA GLU H 6 26.65 -32.07 -5.90
C GLU H 6 27.99 -32.76 -5.64
N SER H 7 27.95 -34.08 -5.64
CA SER H 7 29.15 -34.90 -5.48
C SER H 7 28.89 -36.26 -6.14
N GLY H 8 29.98 -36.91 -6.55
CA GLY H 8 29.90 -38.14 -7.32
C GLY H 8 30.21 -37.89 -8.78
N GLY H 9 30.15 -38.97 -9.56
CA GLY H 9 30.36 -38.87 -10.98
C GLY H 9 31.74 -39.32 -11.39
N GLY H 10 32.17 -38.85 -12.57
CA GLY H 10 33.48 -39.20 -13.10
C GLY H 10 33.46 -40.23 -14.22
N LEU H 11 34.53 -41.01 -14.33
CA LEU H 11 34.67 -42.04 -15.36
C LEU H 11 34.13 -43.37 -14.89
N VAL H 12 33.63 -44.16 -15.85
CA VAL H 12 33.22 -45.55 -15.63
C VAL H 12 33.30 -46.29 -16.95
N GLN H 13 33.25 -47.62 -16.86
CA GLN H 13 33.13 -48.47 -18.03
C GLN H 13 31.67 -48.84 -18.20
N ALA H 14 31.28 -49.07 -19.46
CA ALA H 14 29.94 -49.57 -19.75
C ALA H 14 29.63 -50.77 -18.86
N GLY H 15 28.39 -50.83 -18.40
CA GLY H 15 27.98 -51.83 -17.45
C GLY H 15 28.34 -51.51 -16.02
N GLY H 16 29.16 -50.49 -15.80
CA GLY H 16 29.55 -50.09 -14.47
C GLY H 16 28.47 -49.34 -13.73
N SER H 17 28.86 -48.58 -12.70
CA SER H 17 27.86 -47.98 -11.85
C SER H 17 28.45 -46.81 -11.07
N LEU H 18 27.60 -45.82 -10.80
CA LEU H 18 27.97 -44.63 -10.05
C LEU H 18 26.85 -44.31 -9.07
N ARG H 19 27.14 -43.40 -8.14
CA ARG H 19 26.08 -42.77 -7.35
C ARG H 19 26.36 -41.29 -7.24
N LEU H 20 25.40 -40.48 -7.67
CA LEU H 20 25.48 -39.04 -7.47
C LEU H 20 24.68 -38.66 -6.24
N SER H 21 25.09 -37.58 -5.58
CA SER H 21 24.32 -37.04 -4.47
C SER H 21 24.32 -35.52 -4.56
N CYS H 22 23.27 -34.94 -3.96
CA CYS H 22 23.03 -33.50 -4.02
C CYS H 22 22.40 -33.04 -2.71
N ALA H 23 23.01 -32.04 -2.08
CA ALA H 23 22.54 -31.49 -0.81
C ALA H 23 21.87 -30.14 -1.04
N ALA H 24 20.61 -30.02 -0.61
CA ALA H 24 19.89 -28.75 -0.56
C ALA H 24 20.37 -27.95 0.66
N SER H 25 21.62 -27.52 0.57
CA SER H 25 22.22 -26.73 1.64
C SER H 25 21.64 -25.32 1.63
N GLY H 26 21.03 -24.93 2.74
CA GLY H 26 20.50 -23.59 2.90
C GLY H 26 19.52 -23.15 1.83
N LEU H 27 18.33 -23.77 1.80
CA LEU H 27 17.39 -23.18 0.84
C LEU H 27 16.23 -22.53 1.58
N PRO H 28 15.71 -21.41 1.05
CA PRO H 28 14.70 -20.62 1.78
C PRO H 28 13.49 -21.43 2.26
N TYR H 29 13.08 -22.46 1.51
CA TYR H 29 11.95 -23.31 1.89
C TYR H 29 12.31 -24.75 1.59
N ARG H 30 11.35 -25.64 1.85
CA ARG H 30 11.56 -27.04 1.59
C ARG H 30 11.46 -27.35 0.09
N THR H 31 11.99 -28.51 -0.28
CA THR H 31 11.79 -29.07 -1.61
C THR H 31 10.37 -29.56 -1.79
N VAL H 32 9.82 -29.35 -3.00
CA VAL H 32 8.63 -30.09 -3.41
C VAL H 32 9.12 -31.24 -4.28
N PHE H 33 9.81 -30.89 -5.37
CA PHE H 33 10.46 -31.88 -6.21
C PHE H 33 11.95 -31.61 -6.24
N MET H 34 12.72 -32.68 -6.21
CA MET H 34 14.17 -32.58 -6.26
C MET H 34 14.69 -33.72 -7.11
N GLY H 35 15.68 -33.44 -7.95
CA GLY H 35 16.10 -34.48 -8.87
C GLY H 35 17.30 -34.12 -9.70
N TRP H 36 17.41 -34.80 -10.83
CA TRP H 36 18.58 -34.80 -11.68
C TRP H 36 18.13 -34.64 -13.11
N PHE H 37 18.78 -33.68 -13.81
CA PHE H 37 18.71 -33.46 -15.24
C PHE H 37 20.08 -33.75 -15.82
N ARG H 38 20.14 -33.97 -17.14
CA ARG H 38 21.42 -34.21 -17.76
C ARG H 38 21.48 -33.55 -19.13
N GLN H 39 22.70 -33.32 -19.59
CA GLN H 39 22.94 -32.69 -20.89
C GLN H 39 24.04 -33.48 -21.57
N GLY H 40 23.66 -34.32 -22.53
CA GLY H 40 24.60 -35.08 -23.30
C GLY H 40 25.29 -34.21 -24.34
N PRO H 41 26.41 -34.70 -24.90
CA PRO H 41 27.20 -33.90 -25.84
C PRO H 41 26.40 -33.39 -27.03
N GLY H 42 26.27 -32.07 -27.13
CA GLY H 42 25.54 -31.43 -28.20
C GLY H 42 24.03 -31.41 -28.02
N LYS H 43 23.50 -31.89 -26.91
CA LYS H 43 22.07 -32.13 -26.78
C LYS H 43 21.44 -31.12 -25.82
N GLU H 44 20.12 -31.10 -25.78
CA GLU H 44 19.41 -30.25 -24.82
C GLU H 44 19.40 -30.91 -23.45
N ARG H 45 19.20 -30.10 -22.41
CA ARG H 45 18.96 -30.64 -21.06
C ARG H 45 17.67 -31.43 -21.04
N GLU H 46 17.70 -32.60 -20.39
CA GLU H 46 16.48 -33.37 -20.20
C GLU H 46 16.41 -33.87 -18.76
N GLY H 47 15.19 -34.16 -18.32
CA GLY H 47 15.00 -34.68 -16.97
C GLY H 47 15.41 -36.14 -16.90
N VAL H 48 16.03 -36.51 -15.79
CA VAL H 48 16.46 -37.88 -15.55
C VAL H 48 15.62 -38.54 -14.47
N ALA H 49 15.62 -37.96 -13.28
CA ALA H 49 14.85 -38.58 -12.21
C ALA H 49 14.58 -37.53 -11.14
N VAL H 50 13.32 -37.41 -10.73
CA VAL H 50 12.95 -36.47 -9.68
C VAL H 50 12.10 -37.20 -8.65
N ILE H 51 12.09 -36.68 -7.43
CA ILE H 51 11.42 -37.30 -6.30
C ILE H 51 10.76 -36.20 -5.46
N ASN H 52 9.57 -36.51 -4.96
CA ASN H 52 8.78 -35.60 -4.15
C ASN H 52 9.35 -35.47 -2.74
N ALA H 53 8.99 -34.36 -2.08
CA ALA H 53 9.35 -34.17 -0.68
C ALA H 53 8.83 -35.28 0.23
N ASP H 54 7.81 -36.04 -0.20
CA ASP H 54 7.40 -37.19 0.59
C ASP H 54 8.44 -38.31 0.54
N GLY H 55 9.39 -38.24 -0.39
CA GLY H 55 10.44 -39.23 -0.48
C GLY H 55 10.03 -40.57 -1.07
N VAL H 56 8.91 -40.65 -1.79
CA VAL H 56 8.49 -41.92 -2.37
C VAL H 56 7.95 -41.74 -3.78
N SER H 57 7.33 -40.60 -4.05
CA SER H 57 6.79 -40.32 -5.38
C SER H 57 7.91 -39.90 -6.34
N THR H 58 8.06 -40.62 -7.46
CA THR H 58 9.20 -40.42 -8.34
C THR H 58 8.79 -40.42 -9.81
N TYR H 59 9.55 -39.67 -10.61
CA TYR H 59 9.41 -39.65 -12.07
C TYR H 59 10.76 -39.90 -12.71
N TYR H 60 10.80 -40.84 -13.65
CA TYR H 60 12.00 -41.20 -14.38
C TYR H 60 11.77 -40.96 -15.86
N ALA H 61 12.86 -40.72 -16.58
CA ALA H 61 12.84 -40.72 -18.05
C ALA H 61 12.89 -42.15 -18.57
N ASP H 62 12.25 -42.37 -19.71
CA ASP H 62 12.14 -43.74 -20.22
C ASP H 62 13.51 -44.36 -20.47
N SER H 63 14.48 -43.56 -20.92
CA SER H 63 15.81 -44.06 -21.26
C SER H 63 16.60 -44.55 -20.06
N VAL H 64 15.97 -44.58 -18.89
CA VAL H 64 16.71 -44.68 -17.66
C VAL H 64 15.98 -45.63 -16.72
N LYS H 65 14.77 -46.03 -17.11
CA LYS H 65 13.91 -46.88 -16.30
C LYS H 65 14.62 -48.15 -15.86
N GLY H 66 14.64 -48.39 -14.55
CA GLY H 66 15.16 -49.62 -14.02
C GLY H 66 16.66 -49.79 -14.06
N ARG H 67 17.39 -48.77 -14.54
CA ARG H 67 18.83 -48.70 -14.35
C ARG H 67 19.24 -47.66 -13.32
N PHE H 68 18.51 -46.55 -13.26
CA PHE H 68 18.76 -45.48 -12.31
C PHE H 68 17.62 -45.48 -11.29
N THR H 69 17.95 -45.23 -10.03
CA THR H 69 16.93 -45.08 -9.01
C THR H 69 17.30 -43.90 -8.12
N ILE H 70 16.32 -43.06 -7.80
CA ILE H 70 16.54 -41.87 -6.98
C ILE H 70 15.94 -42.09 -5.59
N SER H 71 16.48 -41.40 -4.60
CA SER H 71 16.09 -41.57 -3.20
C SER H 71 16.43 -40.32 -2.41
N GLN H 72 15.76 -40.16 -1.25
CA GLN H 72 15.92 -38.98 -0.39
C GLN H 72 16.36 -39.34 1.03
N ASP H 73 17.11 -38.42 1.64
CA ASP H 73 17.38 -38.36 3.07
C ASP H 73 16.93 -36.97 3.51
N ASN H 74 15.75 -36.92 4.13
CA ASN H 74 15.18 -35.67 4.60
C ASN H 74 16.00 -35.05 5.73
N ALA H 75 16.85 -35.84 6.39
CA ALA H 75 17.68 -35.32 7.47
C ALA H 75 18.65 -34.26 6.97
N LYS H 76 19.46 -34.61 5.96
CA LYS H 76 20.47 -33.71 5.44
C LYS H 76 20.02 -32.95 4.19
N ASN H 77 18.72 -32.95 3.89
CA ASN H 77 18.21 -32.37 2.65
C ASN H 77 19.00 -32.90 1.45
N THR H 78 19.25 -34.20 1.44
CA THR H 78 20.14 -34.81 0.46
C THR H 78 19.36 -35.81 -0.40
N VAL H 79 19.70 -35.85 -1.68
CA VAL H 79 19.08 -36.76 -2.63
C VAL H 79 20.18 -37.51 -3.37
N TYR H 80 19.89 -38.75 -3.75
CA TYR H 80 20.85 -39.70 -4.30
C TYR H 80 20.30 -40.32 -5.57
N LEU H 81 21.19 -40.51 -6.55
CA LEU H 81 20.86 -41.16 -7.83
C LEU H 81 21.85 -42.31 -8.00
N GLN H 82 21.37 -43.52 -7.73
CA GLN H 82 22.12 -44.75 -7.98
C GLN H 82 21.98 -45.08 -9.47
N MET H 83 23.10 -45.03 -10.21
CA MET H 83 23.09 -45.37 -11.63
C MET H 83 23.82 -46.70 -11.84
N ASN H 84 23.07 -47.72 -12.21
CA ASN H 84 23.65 -49.01 -12.60
C ASN H 84 23.49 -49.21 -14.10
N SER H 85 24.17 -50.23 -14.62
CA SER H 85 24.08 -50.63 -16.03
C SER H 85 24.33 -49.44 -16.95
N LEU H 86 25.39 -48.69 -16.64
CA LEU H 86 25.69 -47.47 -17.37
C LEU H 86 26.06 -47.78 -18.82
N LYS H 87 25.56 -46.96 -19.73
CA LYS H 87 25.83 -47.10 -21.15
C LYS H 87 26.51 -45.83 -21.66
N PRO H 88 27.28 -45.92 -22.74
CA PRO H 88 27.85 -44.70 -23.34
C PRO H 88 26.83 -43.63 -23.61
N GLU H 89 25.60 -44.00 -23.95
CA GLU H 89 24.54 -43.02 -24.14
C GLU H 89 24.29 -42.19 -22.87
N ASP H 90 24.76 -42.65 -21.72
CA ASP H 90 24.54 -41.95 -20.46
C ASP H 90 25.58 -40.88 -20.15
N THR H 91 26.63 -40.73 -20.95
CA THR H 91 27.62 -39.70 -20.61
C THR H 91 27.06 -38.32 -20.94
N ALA H 92 27.22 -37.41 -19.99
CA ALA H 92 26.51 -36.14 -19.99
C ALA H 92 27.03 -35.38 -18.79
N ILE H 93 26.75 -34.09 -18.75
CA ILE H 93 26.88 -33.40 -17.48
C ILE H 93 25.55 -33.46 -16.75
N TYR H 94 25.59 -33.84 -15.48
CA TYR H 94 24.40 -34.06 -14.68
C TYR H 94 24.25 -32.91 -13.70
N HIS H 95 23.06 -32.32 -13.64
CA HIS H 95 22.75 -31.21 -12.75
C HIS H 95 21.65 -31.62 -11.79
N CYS H 96 21.87 -31.35 -10.51
CA CYS H 96 20.80 -31.48 -9.54
C CYS H 96 19.90 -30.26 -9.61
N ALA H 97 18.60 -30.48 -9.46
CA ALA H 97 17.61 -29.43 -9.64
C ALA H 97 16.53 -29.53 -8.55
N ALA H 98 15.83 -28.43 -8.32
CA ALA H 98 14.85 -28.38 -7.25
C ALA H 98 13.91 -27.19 -7.44
N ASN H 99 12.69 -27.37 -6.94
CA ASN H 99 11.73 -26.29 -6.78
C ASN H 99 11.11 -26.37 -5.39
N HIS H 100 10.38 -25.32 -4.99
CA HIS H 100 9.53 -25.35 -3.80
C HIS H 100 8.07 -25.10 -4.16
N PHE H 101 7.71 -25.27 -5.42
CA PHE H 101 6.33 -25.23 -5.90
C PHE H 101 6.29 -26.08 -7.16
N PHE H 102 5.14 -26.68 -7.42
CA PHE H 102 5.02 -27.47 -8.63
C PHE H 102 3.56 -27.60 -9.02
N ASP H 103 3.25 -27.23 -10.26
CA ASP H 103 1.93 -27.44 -10.82
C ASP H 103 1.93 -28.77 -11.57
N TYR H 104 1.04 -29.69 -11.14
CA TYR H 104 0.93 -31.03 -11.69
C TYR H 104 0.29 -31.06 -13.07
N SER H 105 -0.12 -29.92 -13.63
CA SER H 105 -0.48 -29.92 -15.04
C SER H 105 0.75 -29.82 -15.96
N ARG H 106 1.95 -29.59 -15.42
CA ARG H 106 3.18 -29.51 -16.21
C ARG H 106 3.98 -30.81 -16.13
N ASP H 107 5.07 -30.84 -16.90
CA ASP H 107 5.97 -31.99 -16.95
C ASP H 107 6.96 -31.94 -15.78
N PRO H 108 6.98 -32.93 -14.89
CA PRO H 108 7.96 -32.89 -13.80
C PRO H 108 9.38 -33.13 -14.27
N LEU H 109 9.59 -33.46 -15.55
CA LEU H 109 10.93 -33.67 -16.07
C LEU H 109 11.32 -32.58 -17.06
N ALA H 110 10.56 -31.48 -17.12
CA ALA H 110 10.89 -30.35 -17.98
C ALA H 110 11.68 -29.33 -17.18
N THR H 111 12.74 -28.80 -17.79
CA THR H 111 13.66 -27.95 -17.04
C THR H 111 12.98 -26.69 -16.53
N ALA H 112 11.95 -26.21 -17.24
CA ALA H 112 11.22 -25.00 -16.85
C ALA H 112 10.55 -25.09 -15.48
N GLU H 113 10.35 -26.28 -14.94
CA GLU H 113 9.66 -26.41 -13.67
C GLU H 113 10.61 -26.36 -12.48
N TYR H 114 11.89 -26.08 -12.71
CA TYR H 114 12.86 -26.05 -11.63
C TYR H 114 13.67 -24.77 -11.75
N ASN H 115 13.95 -24.13 -10.62
CA ASN H 115 14.73 -22.90 -10.66
C ASN H 115 15.88 -22.90 -9.65
N TYR H 116 16.18 -24.04 -9.02
CA TYR H 116 17.38 -24.21 -8.22
C TYR H 116 18.25 -25.27 -8.89
N TRP H 117 19.51 -24.94 -9.16
CA TRP H 117 20.36 -25.75 -10.02
C TRP H 117 21.76 -25.87 -9.44
N GLY H 118 22.29 -27.09 -9.45
CA GLY H 118 23.64 -27.30 -8.97
C GLY H 118 24.70 -26.95 -10.00
N GLN H 119 25.96 -27.07 -9.58
CA GLN H 119 27.08 -26.71 -10.45
C GLN H 119 27.10 -27.54 -11.72
N GLY H 120 26.90 -28.85 -11.59
CA GLY H 120 27.06 -29.77 -12.68
C GLY H 120 28.14 -30.79 -12.36
N THR H 121 27.99 -32.01 -12.85
CA THR H 121 28.97 -33.06 -12.58
C THR H 121 29.09 -33.94 -13.81
N GLN H 122 30.30 -34.12 -14.31
CA GLN H 122 30.52 -34.92 -15.51
C GLN H 122 30.30 -36.39 -15.20
N VAL H 123 29.68 -37.09 -16.14
CA VAL H 123 29.60 -38.55 -16.13
C VAL H 123 30.06 -39.02 -17.51
N THR H 124 31.11 -39.83 -17.54
CA THR H 124 31.68 -40.30 -18.80
C THR H 124 31.79 -41.82 -18.76
N VAL H 125 31.08 -42.47 -19.67
CA VAL H 125 30.99 -43.92 -19.74
C VAL H 125 31.77 -44.34 -20.99
N SER H 126 32.95 -44.92 -20.78
CA SER H 126 33.83 -45.30 -21.87
C SER H 126 33.46 -46.66 -22.43
N SER H 127 33.83 -46.88 -23.69
CA SER H 127 33.57 -48.13 -24.40
C SER H 127 32.14 -48.64 -24.23
#